data_4XHB
#
_entry.id   4XHB
#
_cell.length_a   76.494
_cell.length_b   82.585
_cell.length_c   117.193
_cell.angle_alpha   90.000
_cell.angle_beta   90.000
_cell.angle_gamma   90.000
#
_symmetry.space_group_name_H-M   'P 21 21 21'
#
loop_
_entity.id
_entity.type
_entity.pdbx_description
1 polymer 'Sialidase B'
2 non-polymer (1R,2S)-cyclopentane-1,2-diol
3 non-polymer '2-[N-CYCLOHEXYLAMINO]ETHANE SULFONIC ACID'
4 water water
#
_entity_poly.entity_id   1
_entity_poly.type   'polypeptide(L)'
_entity_poly.pdbx_seq_one_letter_code
;ISPIFQGGSYQLNNKSIDISSLLLDKLSGESQTVVMKFKADKPNSLQALFGLSNSKAGFKNNYFSIFMRDSGEIGVEIRD
AQKGINYLFSRPASLWGKHKGQAVENTLVFVSDSKDKTYTMYVNGIEVFSETVDTFLPISNINGIDKATLGAVNREGKEH
YLAKGSIDEISLFNKAISDQEVSTIPLSNPFQLIFQSGDSTQANYFRIPTLYTLSSGRVLSSIDARYGGTHDSKSKINIA
TSYSDDNGKTWSEPIFAMKFNDYEEQLVYWPRDNKLKNSQISGSASFIDSSIVEDKKSGKTILLADVMPAGIGNNNANKA
DSGFKEINGHYYLKLKKNGDNDFRYTVRENGVVYNETTNKPTNYTINDKYEVLEGGKSLTVEQYSVDFDSGSLRERHNGK
QVPMNVFYKDSLFKVTPTNYIAMTTSQNRGESWEQFKLLPPFLGEKHNGTYLCPGQGLALKSSNRLIFATYTSGELTYLI
SDDSGQTWKKSSASIPFKNATAEAQMVELRDGVIRTFFRTTTGKIAYMTSRDSGETWSKVSYIDGIQQTSYGTQVSAIKY
SQLIDGKEAVILSTPNSRSGRKGGQLVVGLVNKEDDSIDWKYHYGIDLPSYGYAYSAITELPNHHIGVLFEKYDSWSRNE
LHLSNVVQYIDLEINDLT
;
_entity_poly.pdbx_strand_id   A
#
# COMPACT_ATOMS: atom_id res chain seq x y z
N ILE A 1 -27.34 -11.53 21.52
CA ILE A 1 -27.80 -12.71 22.25
C ILE A 1 -26.64 -13.46 22.90
N SER A 2 -26.97 -14.43 23.75
CA SER A 2 -25.97 -15.21 24.47
C SER A 2 -25.46 -16.38 23.63
N PRO A 3 -24.17 -16.73 23.78
CA PRO A 3 -23.64 -17.84 22.99
C PRO A 3 -24.19 -19.19 23.44
N ILE A 4 -24.38 -20.09 22.47
CA ILE A 4 -24.80 -21.45 22.76
C ILE A 4 -23.65 -22.28 23.31
N PHE A 5 -22.44 -21.83 23.03
CA PHE A 5 -21.24 -22.52 23.50
C PHE A 5 -20.12 -21.51 23.66
N GLN A 6 -19.36 -21.64 24.73
CA GLN A 6 -18.22 -20.77 24.97
C GLN A 6 -17.17 -21.51 25.78
N GLY A 7 -15.93 -21.46 25.31
CA GLY A 7 -14.83 -22.13 25.98
C GLY A 7 -13.54 -21.39 25.73
N GLY A 8 -12.49 -21.72 26.46
CA GLY A 8 -11.25 -21.00 26.29
C GLY A 8 -10.04 -21.66 26.89
N SER A 9 -8.90 -20.96 26.81
CA SER A 9 -7.62 -21.48 27.26
C SER A 9 -7.26 -22.82 26.62
N TYR A 10 -7.56 -23.00 25.34
CA TYR A 10 -7.21 -24.23 24.64
C TYR A 10 -5.83 -24.13 24.02
N GLN A 11 -4.92 -25.02 24.44
CA GLN A 11 -3.60 -25.05 23.82
C GLN A 11 -3.62 -26.02 22.65
N LEU A 12 -3.21 -25.55 21.47
CA LEU A 12 -3.13 -26.42 20.29
C LEU A 12 -1.69 -26.81 20.07
N ASN A 13 -1.34 -28.01 20.50
CA ASN A 13 0.04 -28.48 20.38
C ASN A 13 0.13 -29.71 19.49
N ASN A 14 -0.27 -29.55 18.23
CA ASN A 14 -0.34 -30.66 17.29
C ASN A 14 -1.09 -31.85 17.87
N LYS A 15 -2.17 -31.54 18.57
CA LYS A 15 -3.08 -32.55 19.11
C LYS A 15 -4.45 -31.94 19.19
N SER A 16 -5.39 -32.47 18.42
CA SER A 16 -6.74 -31.92 18.38
C SER A 16 -7.42 -32.02 19.72
N ILE A 17 -8.36 -31.12 19.96
CA ILE A 17 -9.20 -31.17 21.15
C ILE A 17 -10.63 -31.39 20.73
N ASP A 18 -11.25 -32.45 21.26
CA ASP A 18 -12.59 -32.83 20.86
C ASP A 18 -13.59 -32.11 21.74
N ILE A 19 -14.42 -31.27 21.12
CA ILE A 19 -15.48 -30.58 21.86
C ILE A 19 -16.88 -30.98 21.39
N SER A 20 -17.00 -32.16 20.81
CA SER A 20 -18.27 -32.65 20.27
C SER A 20 -19.38 -32.64 21.33
N SER A 21 -19.07 -33.15 22.51
CA SER A 21 -20.09 -33.37 23.54
C SER A 21 -20.56 -32.05 24.12
N LEU A 22 -19.75 -31.01 23.93
CA LEU A 22 -20.09 -29.69 24.42
C LEU A 22 -20.91 -28.89 23.40
N LEU A 23 -20.69 -29.11 22.11
CA LEU A 23 -21.20 -28.21 21.09
C LEU A 23 -22.27 -28.77 20.14
N LEU A 24 -22.09 -30.00 19.67
CA LEU A 24 -22.92 -30.51 18.57
C LEU A 24 -24.42 -30.49 18.84
N ASP A 25 -24.82 -30.83 20.06
CA ASP A 25 -26.26 -30.85 20.37
C ASP A 25 -26.83 -29.44 20.58
N LYS A 26 -25.95 -28.44 20.65
CA LYS A 26 -26.38 -27.05 20.82
C LYS A 26 -26.60 -26.34 19.49
N LEU A 27 -26.02 -26.87 18.41
CA LEU A 27 -26.21 -26.25 17.10
C LEU A 27 -27.65 -26.43 16.65
N SER A 28 -28.28 -25.34 16.21
CA SER A 28 -29.64 -25.43 15.72
C SER A 28 -29.93 -24.27 14.77
N GLY A 29 -30.72 -24.54 13.74
CA GLY A 29 -31.06 -23.51 12.77
C GLY A 29 -29.97 -23.36 11.72
N GLU A 30 -30.20 -22.51 10.73
CA GLU A 30 -29.34 -22.48 9.55
C GLU A 30 -28.26 -21.40 9.57
N SER A 31 -28.30 -20.52 10.57
CA SER A 31 -27.35 -19.42 10.66
C SER A 31 -26.50 -19.52 11.92
N GLN A 32 -25.21 -19.23 11.80
CA GLN A 32 -24.30 -19.34 12.92
C GLN A 32 -23.21 -18.27 12.86
N THR A 33 -22.74 -17.86 14.02
CA THR A 33 -21.57 -16.97 14.10
C THR A 33 -20.53 -17.61 15.00
N VAL A 34 -19.28 -17.62 14.54
CA VAL A 34 -18.18 -18.10 15.37
C VAL A 34 -17.28 -16.91 15.70
N VAL A 35 -17.01 -16.72 16.99
CA VAL A 35 -16.07 -15.69 17.41
C VAL A 35 -14.92 -16.38 18.09
N MET A 36 -13.72 -16.20 17.56
CA MET A 36 -12.56 -16.92 18.06
C MET A 36 -11.38 -15.97 18.30
N LYS A 37 -10.87 -15.94 19.53
CA LYS A 37 -9.66 -15.18 19.86
C LYS A 37 -8.50 -16.15 19.96
N PHE A 38 -7.49 -15.99 19.11
CA PHE A 38 -6.48 -17.02 18.99
C PHE A 38 -5.09 -16.48 18.70
N LYS A 39 -4.10 -17.27 19.07
CA LYS A 39 -2.70 -16.93 18.81
C LYS A 39 -2.07 -18.02 17.99
N ALA A 40 -1.15 -17.63 17.11
CA ALA A 40 -0.33 -18.57 16.39
C ALA A 40 0.95 -17.88 15.93
N ASP A 41 2.01 -18.03 16.69
CA ASP A 41 3.28 -17.40 16.33
C ASP A 41 4.25 -18.40 15.75
N LYS A 42 3.86 -19.67 15.77
CA LYS A 42 4.63 -20.73 15.12
C LYS A 42 3.69 -21.69 14.38
N PRO A 43 2.88 -21.16 13.45
CA PRO A 43 1.91 -22.03 12.78
C PRO A 43 2.56 -23.06 11.85
N ASN A 44 1.90 -24.20 11.70
CA ASN A 44 2.25 -25.15 10.65
C ASN A 44 1.85 -24.56 9.30
N SER A 45 2.31 -25.17 8.21
CA SER A 45 2.09 -24.61 6.87
C SER A 45 0.60 -24.39 6.56
N LEU A 46 -0.22 -25.37 6.94
CA LEU A 46 -1.67 -25.32 6.75
C LEU A 46 -2.33 -25.97 7.95
N GLN A 47 -3.09 -25.21 8.73
CA GLN A 47 -3.68 -25.78 9.94
C GLN A 47 -5.12 -25.34 10.18
N ALA A 48 -5.92 -26.24 10.72
CA ALA A 48 -7.31 -25.93 11.05
C ALA A 48 -7.40 -25.47 12.49
N LEU A 49 -8.06 -24.34 12.71
CA LEU A 49 -8.35 -23.85 14.04
C LEU A 49 -9.61 -24.52 14.60
N PHE A 50 -10.61 -24.69 13.73
CA PHE A 50 -11.91 -25.18 14.16
C PHE A 50 -12.46 -26.10 13.08
N GLY A 51 -13.05 -27.22 13.48
CA GLY A 51 -13.61 -28.16 12.53
C GLY A 51 -14.93 -28.77 13.00
N LEU A 52 -15.87 -28.88 12.07
CA LEU A 52 -17.08 -29.68 12.24
C LEU A 52 -17.08 -30.69 11.12
N SER A 53 -17.03 -31.99 11.43
CA SER A 53 -16.90 -32.96 10.35
C SER A 53 -17.75 -34.21 10.56
N ASN A 54 -18.00 -34.89 9.45
CA ASN A 54 -18.41 -36.29 9.46
C ASN A 54 -17.12 -37.08 9.48
N SER A 55 -16.84 -37.75 10.59
CA SER A 55 -15.56 -38.45 10.71
C SER A 55 -15.66 -39.90 10.28
N LYS A 56 -16.79 -40.30 9.71
CA LYS A 56 -17.00 -41.69 9.32
C LYS A 56 -16.34 -42.06 7.99
N ALA A 57 -15.95 -43.33 7.86
CA ALA A 57 -15.34 -43.82 6.62
C ALA A 57 -16.28 -43.58 5.46
N GLY A 58 -15.75 -43.05 4.36
CA GLY A 58 -16.55 -42.76 3.19
C GLY A 58 -17.06 -41.34 3.10
N PHE A 59 -16.80 -40.53 4.13
CA PHE A 59 -17.32 -39.17 4.18
C PHE A 59 -16.21 -38.15 4.45
N LYS A 60 -15.04 -38.43 3.90
CA LYS A 60 -13.83 -37.65 4.14
C LYS A 60 -13.99 -36.18 3.75
N ASN A 61 -14.88 -35.93 2.80
CA ASN A 61 -15.07 -34.57 2.28
C ASN A 61 -16.37 -33.94 2.75
N ASN A 62 -16.84 -34.34 3.93
CA ASN A 62 -18.02 -33.72 4.55
C ASN A 62 -17.56 -33.01 5.80
N TYR A 63 -17.19 -31.73 5.67
CA TYR A 63 -16.75 -31.00 6.83
C TYR A 63 -16.82 -29.50 6.62
N PHE A 64 -16.84 -28.78 7.73
CA PHE A 64 -16.63 -27.34 7.76
C PHE A 64 -15.35 -27.08 8.53
N SER A 65 -14.54 -26.13 8.08
CA SER A 65 -13.32 -25.80 8.80
C SER A 65 -13.03 -24.31 8.74
N ILE A 66 -12.41 -23.78 9.78
CA ILE A 66 -11.77 -22.48 9.70
C ILE A 66 -10.28 -22.78 9.74
N PHE A 67 -9.56 -22.42 8.67
CA PHE A 67 -8.15 -22.74 8.59
C PHE A 67 -7.27 -21.50 8.40
N MET A 68 -5.97 -21.67 8.63
CA MET A 68 -5.02 -20.61 8.33
C MET A 68 -3.77 -21.22 7.69
N ARG A 69 -3.00 -20.39 6.99
CA ARG A 69 -1.71 -20.83 6.47
C ARG A 69 -0.61 -20.04 7.15
N ASP A 70 0.62 -20.55 7.12
CA ASP A 70 1.75 -19.84 7.68
C ASP A 70 2.14 -18.59 6.88
N SER A 71 1.45 -18.36 5.76
CA SER A 71 1.53 -17.09 5.02
C SER A 71 0.69 -15.99 5.67
N GLY A 72 -0.17 -16.37 6.62
CA GLY A 72 -1.09 -15.43 7.24
C GLY A 72 -2.48 -15.40 6.60
N GLU A 73 -2.67 -16.24 5.58
CA GLU A 73 -3.98 -16.44 4.97
C GLU A 73 -4.96 -17.07 5.95
N ILE A 74 -6.22 -16.64 5.87
CA ILE A 74 -7.31 -17.22 6.66
C ILE A 74 -8.43 -17.67 5.72
N GLY A 75 -9.15 -18.71 6.08
CA GLY A 75 -10.22 -19.16 5.21
C GLY A 75 -11.17 -20.16 5.84
N VAL A 76 -12.15 -20.60 5.06
CA VAL A 76 -13.05 -21.65 5.51
C VAL A 76 -13.25 -22.63 4.38
N GLU A 77 -13.58 -23.86 4.73
CA GLU A 77 -14.09 -24.83 3.76
C GLU A 77 -15.47 -25.23 4.23
N ILE A 78 -16.40 -25.36 3.30
CA ILE A 78 -17.72 -25.87 3.63
C ILE A 78 -18.04 -26.91 2.57
N ARG A 79 -18.03 -28.19 2.96
CA ARG A 79 -18.04 -29.29 2.01
C ARG A 79 -19.06 -30.36 2.37
N ASP A 80 -19.82 -30.80 1.36
CA ASP A 80 -20.78 -31.89 1.53
C ASP A 80 -20.85 -32.64 0.20
N ALA A 81 -20.34 -33.88 0.19
CA ALA A 81 -20.21 -34.65 -1.04
C ALA A 81 -21.58 -35.08 -1.60
N GLN A 82 -22.53 -35.29 -0.72
CA GLN A 82 -23.86 -35.72 -1.14
C GLN A 82 -24.55 -34.56 -1.86
N LYS A 83 -24.34 -33.36 -1.34
CA LYS A 83 -24.94 -32.16 -1.92
C LYS A 83 -24.15 -31.69 -3.12
N GLY A 84 -22.92 -32.18 -3.27
CA GLY A 84 -22.06 -31.78 -4.37
C GLY A 84 -21.52 -30.37 -4.18
N ILE A 85 -21.34 -29.99 -2.91
CA ILE A 85 -20.89 -28.64 -2.58
C ILE A 85 -19.48 -28.66 -1.99
N ASN A 86 -18.59 -27.84 -2.53
CA ASN A 86 -17.23 -27.72 -2.01
C ASN A 86 -16.79 -26.28 -2.06
N TYR A 87 -17.21 -25.51 -1.06
CA TYR A 87 -16.91 -24.08 -0.99
C TYR A 87 -15.58 -23.89 -0.28
N LEU A 88 -14.77 -23.00 -0.83
CA LEU A 88 -13.51 -22.61 -0.23
C LEU A 88 -13.42 -21.10 -0.37
N PHE A 89 -13.44 -20.40 0.75
CA PHE A 89 -13.31 -18.95 0.72
C PHE A 89 -12.16 -18.57 1.62
N SER A 90 -11.33 -17.65 1.15
CA SER A 90 -10.17 -17.30 1.94
C SER A 90 -9.65 -15.93 1.51
N ARG A 91 -8.83 -15.34 2.36
CA ARG A 91 -8.03 -14.20 1.94
C ARG A 91 -6.61 -14.25 2.49
N PRO A 92 -5.61 -14.06 1.61
CA PRO A 92 -4.22 -13.96 2.06
C PRO A 92 -4.03 -12.79 3.02
N ALA A 93 -2.95 -12.86 3.79
CA ALA A 93 -2.49 -11.73 4.58
C ALA A 93 -3.59 -11.13 5.47
N SER A 94 -4.22 -11.98 6.28
CA SER A 94 -5.30 -11.55 7.15
C SER A 94 -4.94 -11.54 8.64
N LEU A 95 -3.76 -12.07 8.97
CA LEU A 95 -3.40 -12.33 10.37
C LEU A 95 -2.16 -11.61 10.89
N TRP A 96 -2.11 -11.43 12.21
CA TRP A 96 -0.87 -11.06 12.89
C TRP A 96 -0.29 -12.27 13.62
N GLY A 97 1.04 -12.33 13.72
CA GLY A 97 1.70 -13.41 14.43
C GLY A 97 2.26 -12.96 15.78
N LYS A 98 3.23 -12.05 15.72
CA LYS A 98 3.91 -11.54 16.90
C LYS A 98 4.09 -10.04 16.79
N HIS A 99 4.16 -9.38 17.94
CA HIS A 99 4.39 -7.94 18.00
C HIS A 99 5.17 -7.67 19.29
N LYS A 100 6.33 -7.01 19.16
CA LYS A 100 7.18 -6.72 20.33
C LYS A 100 7.54 -7.95 21.17
N GLY A 101 7.86 -9.06 20.52
CA GLY A 101 8.27 -10.26 21.23
C GLY A 101 7.15 -11.07 21.87
N GLN A 102 5.91 -10.84 21.42
CA GLN A 102 4.77 -11.52 22.05
C GLN A 102 3.76 -11.94 21.00
N ALA A 103 3.23 -13.15 21.15
CA ALA A 103 2.17 -13.63 20.25
C ALA A 103 0.95 -12.71 20.30
N VAL A 104 0.42 -12.39 19.12
CA VAL A 104 -0.72 -11.48 19.00
C VAL A 104 -2.05 -12.23 19.08
N GLU A 105 -2.98 -11.71 19.88
CA GLU A 105 -4.31 -12.27 19.95
C GLU A 105 -5.11 -11.76 18.76
N ASN A 106 -5.36 -12.63 17.79
CA ASN A 106 -6.24 -12.28 16.66
C ASN A 106 -7.68 -12.50 17.05
N THR A 107 -8.56 -11.59 16.65
CA THR A 107 -9.99 -11.74 16.92
C THR A 107 -10.69 -12.04 15.60
N LEU A 108 -11.16 -13.29 15.47
CA LEU A 108 -11.78 -13.77 14.25
C LEU A 108 -13.29 -13.86 14.44
N VAL A 109 -14.04 -13.37 13.45
CA VAL A 109 -15.50 -13.44 13.48
C VAL A 109 -15.99 -13.99 12.16
N PHE A 110 -16.62 -15.16 12.20
CA PHE A 110 -17.13 -15.75 10.97
C PHE A 110 -18.65 -15.84 11.04
N VAL A 111 -19.31 -15.25 10.05
CA VAL A 111 -20.78 -15.20 10.04
C VAL A 111 -21.32 -16.04 8.88
N SER A 112 -22.13 -17.04 9.20
CA SER A 112 -22.76 -17.91 8.22
C SER A 112 -24.25 -17.58 8.20
N ASP A 113 -24.67 -16.83 7.18
CA ASP A 113 -26.00 -16.21 7.15
C ASP A 113 -26.87 -16.85 6.07
N SER A 114 -27.83 -17.67 6.50
CA SER A 114 -28.70 -18.38 5.58
C SER A 114 -29.70 -17.46 4.88
N LYS A 115 -30.14 -16.41 5.58
CA LYS A 115 -31.12 -15.48 5.02
C LYS A 115 -30.57 -14.81 3.76
N ASP A 116 -29.35 -14.31 3.84
CA ASP A 116 -28.74 -13.64 2.69
C ASP A 116 -27.82 -14.56 1.89
N LYS A 117 -27.75 -15.83 2.30
CA LYS A 117 -26.90 -16.82 1.65
C LYS A 117 -25.45 -16.34 1.54
N THR A 118 -24.92 -15.79 2.62
CA THR A 118 -23.62 -15.15 2.59
C THR A 118 -22.72 -15.61 3.74
N TYR A 119 -21.45 -15.88 3.41
CA TYR A 119 -20.45 -16.19 4.42
C TYR A 119 -19.48 -15.01 4.49
N THR A 120 -19.31 -14.45 5.69
CA THR A 120 -18.47 -13.27 5.86
C THR A 120 -17.45 -13.55 6.96
N MET A 121 -16.21 -13.14 6.69
CA MET A 121 -15.12 -13.30 7.65
C MET A 121 -14.52 -11.94 8.01
N TYR A 122 -14.38 -11.69 9.31
CA TYR A 122 -13.63 -10.54 9.81
C TYR A 122 -12.45 -11.04 10.61
N VAL A 123 -11.32 -10.36 10.49
CA VAL A 123 -10.21 -10.60 11.42
C VAL A 123 -9.67 -9.27 11.90
N ASN A 124 -9.60 -9.11 13.22
CA ASN A 124 -9.05 -7.91 13.84
C ASN A 124 -9.80 -6.65 13.38
N GLY A 125 -11.12 -6.81 13.24
CA GLY A 125 -12.01 -5.71 12.93
C GLY A 125 -12.02 -5.36 11.45
N ILE A 126 -11.48 -6.24 10.63
CA ILE A 126 -11.40 -5.97 9.20
C ILE A 126 -12.09 -7.09 8.45
N GLU A 127 -13.03 -6.70 7.58
CA GLU A 127 -13.70 -7.69 6.74
C GLU A 127 -12.71 -8.17 5.68
N VAL A 128 -12.46 -9.46 5.63
CA VAL A 128 -11.48 -9.99 4.67
C VAL A 128 -12.14 -10.74 3.50
N PHE A 129 -13.34 -11.26 3.73
CA PHE A 129 -14.16 -11.71 2.61
C PHE A 129 -15.64 -11.74 2.94
N SER A 130 -16.45 -11.66 1.89
CA SER A 130 -17.90 -11.78 2.02
C SER A 130 -18.36 -12.42 0.71
N GLU A 131 -18.83 -13.64 0.80
CA GLU A 131 -19.12 -14.45 -0.36
C GLU A 131 -20.57 -14.89 -0.35
N THR A 132 -21.29 -14.54 -1.42
CA THR A 132 -22.69 -14.90 -1.53
C THR A 132 -22.79 -16.08 -2.48
N VAL A 133 -23.62 -17.06 -2.14
CA VAL A 133 -23.75 -18.25 -2.97
C VAL A 133 -25.19 -18.47 -3.42
N ASP A 134 -25.36 -19.18 -4.52
CA ASP A 134 -26.70 -19.52 -5.02
C ASP A 134 -27.33 -20.54 -4.09
N THR A 135 -26.58 -21.60 -3.80
CA THR A 135 -27.06 -22.67 -2.93
C THR A 135 -26.35 -22.63 -1.59
N PHE A 136 -27.06 -22.16 -0.56
CA PHE A 136 -26.46 -22.02 0.75
C PHE A 136 -26.28 -23.37 1.42
N LEU A 137 -25.16 -23.52 2.11
CA LEU A 137 -24.92 -24.72 2.90
C LEU A 137 -24.71 -24.33 4.35
N PRO A 138 -25.75 -24.51 5.19
CA PRO A 138 -25.60 -24.26 6.63
C PRO A 138 -24.51 -25.16 7.21
N ILE A 139 -23.66 -24.63 8.07
CA ILE A 139 -22.52 -25.41 8.56
C ILE A 139 -22.97 -26.64 9.36
N SER A 140 -24.18 -26.58 9.90
CA SER A 140 -24.71 -27.71 10.67
C SER A 140 -25.48 -28.71 9.80
N ASN A 141 -25.66 -28.38 8.52
CA ASN A 141 -26.41 -29.25 7.62
C ASN A 141 -25.54 -30.16 6.77
N ILE A 142 -24.24 -30.19 7.05
CA ILE A 142 -23.36 -31.11 6.37
C ILE A 142 -23.78 -32.54 6.75
N ASN A 143 -23.95 -33.40 5.75
CA ASN A 143 -24.46 -34.75 6.00
C ASN A 143 -23.59 -35.56 6.95
N GLY A 144 -24.17 -35.97 8.08
CA GLY A 144 -23.52 -36.86 9.01
C GLY A 144 -22.46 -36.28 9.93
N ILE A 145 -22.49 -34.97 10.17
CA ILE A 145 -21.54 -34.38 11.11
C ILE A 145 -21.62 -35.12 12.44
N ASP A 146 -20.48 -35.56 12.96
CA ASP A 146 -20.45 -36.20 14.27
C ASP A 146 -19.27 -35.75 15.15
N LYS A 147 -18.48 -34.80 14.65
CA LYS A 147 -17.36 -34.28 15.44
C LYS A 147 -17.26 -32.76 15.39
N ALA A 148 -16.90 -32.17 16.53
CA ALA A 148 -16.54 -30.77 16.63
C ALA A 148 -15.16 -30.75 17.25
N THR A 149 -14.22 -30.10 16.58
CA THR A 149 -12.82 -30.26 16.88
C THR A 149 -12.10 -28.91 16.89
N LEU A 150 -11.16 -28.73 17.81
CA LEU A 150 -10.26 -27.58 17.78
C LEU A 150 -8.85 -28.05 17.46
N GLY A 151 -8.19 -27.36 16.52
CA GLY A 151 -6.80 -27.65 16.21
C GLY A 151 -6.57 -28.80 15.24
N ALA A 152 -7.65 -29.24 14.59
CA ALA A 152 -7.59 -30.21 13.51
C ALA A 152 -8.98 -30.38 12.91
N VAL A 153 -9.04 -31.08 11.79
CA VAL A 153 -10.31 -31.64 11.30
C VAL A 153 -10.22 -33.16 11.33
N ASN A 154 -11.20 -33.81 11.94
CA ASN A 154 -11.26 -35.26 12.03
C ASN A 154 -11.89 -35.83 10.78
N ARG A 155 -11.08 -36.46 9.94
CA ARG A 155 -11.58 -37.07 8.73
C ARG A 155 -11.23 -38.54 8.75
N GLU A 156 -12.25 -39.37 8.53
CA GLU A 156 -12.12 -40.83 8.61
C GLU A 156 -11.31 -41.25 9.83
N GLY A 157 -11.59 -40.58 10.96
CA GLY A 157 -11.01 -40.94 12.24
C GLY A 157 -9.58 -40.47 12.47
N LYS A 158 -9.03 -39.72 11.53
CA LYS A 158 -7.66 -39.24 11.69
C LYS A 158 -7.60 -37.72 11.75
N GLU A 159 -6.57 -37.20 12.43
CA GLU A 159 -6.38 -35.75 12.61
C GLU A 159 -5.72 -35.13 11.39
N HIS A 160 -6.47 -34.33 10.63
CA HIS A 160 -5.91 -33.62 9.48
C HIS A 160 -5.70 -32.16 9.84
N TYR A 161 -4.72 -31.52 9.19
CA TYR A 161 -4.45 -30.09 9.37
C TYR A 161 -4.18 -29.74 10.83
N LEU A 162 -3.38 -30.56 11.51
CA LEU A 162 -3.03 -30.29 12.91
C LEU A 162 -2.43 -28.92 13.12
N ALA A 163 -2.85 -28.27 14.20
CA ALA A 163 -2.47 -26.88 14.45
C ALA A 163 -1.52 -26.71 15.63
N LYS A 164 -0.61 -25.73 15.49
CA LYS A 164 0.17 -25.23 16.60
C LYS A 164 -0.27 -23.79 16.87
N GLY A 165 -0.74 -23.53 18.09
CA GLY A 165 -1.20 -22.22 18.50
C GLY A 165 -2.04 -22.34 19.76
N SER A 166 -2.87 -21.34 20.04
CA SER A 166 -3.77 -21.41 21.18
C SER A 166 -5.05 -20.71 20.83
N ILE A 167 -6.16 -21.19 21.40
CA ILE A 167 -7.42 -20.50 21.27
C ILE A 167 -7.83 -19.98 22.64
N ASP A 168 -7.71 -18.68 22.86
CA ASP A 168 -7.93 -18.11 24.17
C ASP A 168 -9.42 -18.11 24.50
N GLU A 169 -10.24 -17.97 23.46
CA GLU A 169 -11.68 -17.95 23.65
C GLU A 169 -12.37 -18.30 22.34
N ILE A 170 -13.40 -19.14 22.42
CA ILE A 170 -14.20 -19.42 21.24
C ILE A 170 -15.68 -19.41 21.64
N SER A 171 -16.49 -18.71 20.85
CA SER A 171 -17.92 -18.60 21.14
C SER A 171 -18.71 -18.93 19.88
N LEU A 172 -19.83 -19.63 20.04
CA LEU A 172 -20.71 -19.91 18.92
C LEU A 172 -22.11 -19.41 19.20
N PHE A 173 -22.74 -18.81 18.20
CA PHE A 173 -24.10 -18.29 18.31
C PHE A 173 -24.95 -18.93 17.23
N ASN A 174 -26.21 -19.24 17.56
CA ASN A 174 -27.15 -19.68 16.53
C ASN A 174 -27.85 -18.49 15.90
N LYS A 175 -27.06 -17.58 15.33
CA LYS A 175 -27.58 -16.39 14.69
C LYS A 175 -26.49 -15.84 13.78
N ALA A 176 -26.88 -15.17 12.71
CA ALA A 176 -25.93 -14.39 11.92
C ALA A 176 -25.92 -13.00 12.53
N ILE A 177 -24.89 -12.66 13.30
CA ILE A 177 -24.88 -11.37 13.98
C ILE A 177 -24.68 -10.23 12.97
N SER A 178 -25.25 -9.07 13.27
CA SER A 178 -25.25 -7.96 12.31
C SER A 178 -23.89 -7.28 12.19
N ASP A 179 -23.70 -6.52 11.11
CA ASP A 179 -22.50 -5.72 10.93
C ASP A 179 -22.28 -4.83 12.16
N GLN A 180 -23.39 -4.28 12.66
CA GLN A 180 -23.35 -3.43 13.85
C GLN A 180 -22.82 -4.18 15.06
N GLU A 181 -23.35 -5.38 15.31
CA GLU A 181 -22.93 -6.20 16.43
C GLU A 181 -21.46 -6.58 16.34
N VAL A 182 -21.01 -6.92 15.14
CA VAL A 182 -19.60 -7.24 14.90
C VAL A 182 -18.72 -6.10 15.38
N SER A 183 -19.11 -4.87 15.07
CA SER A 183 -18.32 -3.69 15.41
C SER A 183 -18.14 -3.49 16.93
N THR A 184 -19.03 -4.09 17.72
CA THR A 184 -18.99 -3.93 19.17
C THR A 184 -18.08 -4.96 19.87
N ILE A 185 -17.67 -5.99 19.13
CA ILE A 185 -16.78 -7.00 19.68
C ILE A 185 -15.40 -6.39 19.99
N PRO A 186 -14.91 -6.58 21.23
CA PRO A 186 -13.63 -5.97 21.64
C PRO A 186 -12.45 -6.57 20.89
N LEU A 187 -11.45 -5.75 20.59
CA LEU A 187 -10.30 -6.20 19.82
C LEU A 187 -9.01 -6.00 20.59
N SER A 188 -7.98 -6.74 20.20
CA SER A 188 -6.66 -6.58 20.82
C SER A 188 -5.61 -6.34 19.74
N ASN A 189 -5.84 -5.32 18.92
CA ASN A 189 -5.00 -5.10 17.74
C ASN A 189 -3.66 -4.46 18.08
N PRO A 190 -2.59 -4.98 17.47
CA PRO A 190 -1.26 -4.37 17.70
C PRO A 190 -1.03 -3.18 16.76
N PHE A 191 -2.01 -2.92 15.89
CA PHE A 191 -1.84 -1.94 14.82
C PHE A 191 -3.03 -0.98 14.74
N GLN A 192 -2.85 0.09 13.98
CA GLN A 192 -3.91 1.06 13.71
C GLN A 192 -4.04 1.22 12.20
N LEU A 193 -5.17 1.75 11.76
CA LEU A 193 -5.30 2.14 10.35
C LEU A 193 -5.33 3.65 10.28
N ILE A 194 -4.59 4.21 9.33
CA ILE A 194 -4.61 5.64 9.05
C ILE A 194 -5.56 5.86 7.88
N PHE A 195 -5.30 5.12 6.79
CA PHE A 195 -6.19 5.10 5.64
C PHE A 195 -6.91 3.76 5.63
N GLN A 196 -8.18 3.74 5.25
CA GLN A 196 -8.94 2.50 5.27
C GLN A 196 -10.17 2.56 4.38
N SER A 197 -10.65 1.39 3.96
CA SER A 197 -11.79 1.28 3.08
C SER A 197 -13.00 1.97 3.68
N GLY A 198 -13.64 2.83 2.90
CA GLY A 198 -14.84 3.51 3.38
C GLY A 198 -14.58 4.89 3.94
N ASP A 199 -13.31 5.26 4.05
CA ASP A 199 -12.98 6.59 4.56
C ASP A 199 -13.22 7.66 3.48
N SER A 200 -12.79 8.88 3.75
CA SER A 200 -13.10 10.00 2.87
C SER A 200 -12.52 9.89 1.46
N THR A 201 -11.51 9.03 1.26
CA THR A 201 -10.93 8.89 -0.07
C THR A 201 -11.84 8.08 -0.98
N GLN A 202 -12.65 7.21 -0.36
CA GLN A 202 -13.51 6.28 -1.10
C GLN A 202 -12.73 5.31 -1.99
N ALA A 203 -11.42 5.21 -1.77
CA ALA A 203 -10.65 4.13 -2.39
C ALA A 203 -10.74 2.89 -1.53
N ASN A 204 -10.93 1.73 -2.16
CA ASN A 204 -10.99 0.49 -1.41
C ASN A 204 -9.59 -0.10 -1.16
N TYR A 205 -8.58 0.48 -1.80
CA TYR A 205 -7.20 -0.05 -1.73
C TYR A 205 -6.19 1.08 -1.51
N PHE A 206 -5.05 0.75 -0.90
CA PHE A 206 -3.99 1.72 -0.67
C PHE A 206 -2.64 1.04 -0.84
N ARG A 207 -1.68 1.79 -1.36
CA ARG A 207 -0.30 1.31 -1.46
C ARG A 207 0.64 2.48 -1.31
N ILE A 208 1.92 2.18 -1.07
CA ILE A 208 2.99 3.18 -1.10
C ILE A 208 2.86 4.24 0.01
N PRO A 209 2.94 3.80 1.28
CA PRO A 209 2.83 4.70 2.44
C PRO A 209 4.05 5.61 2.60
N THR A 210 3.85 6.81 3.16
CA THR A 210 4.96 7.66 3.56
C THR A 210 4.68 8.21 4.96
N LEU A 211 5.73 8.63 5.66
CA LEU A 211 5.61 9.29 6.97
C LEU A 211 6.68 10.35 7.07
N TYR A 212 6.36 11.46 7.72
CA TYR A 212 7.33 12.53 7.92
C TYR A 212 6.94 13.33 9.16
N THR A 213 7.89 13.51 10.07
CA THR A 213 7.62 14.27 11.30
C THR A 213 7.94 15.75 11.08
N LEU A 214 6.92 16.59 11.25
CA LEU A 214 7.07 18.03 11.05
C LEU A 214 7.61 18.74 12.31
N SER A 215 8.18 19.92 12.13
CA SER A 215 8.78 20.66 13.24
C SER A 215 7.79 21.01 14.36
N SER A 216 6.52 21.18 14.02
CA SER A 216 5.50 21.49 15.02
C SER A 216 5.20 20.30 15.95
N GLY A 217 5.64 19.12 15.54
CA GLY A 217 5.31 17.91 16.26
C GLY A 217 4.23 17.11 15.55
N ARG A 218 3.60 17.72 14.55
CA ARG A 218 2.62 16.99 13.73
C ARG A 218 3.35 15.94 12.89
N VAL A 219 2.75 14.76 12.76
CA VAL A 219 3.30 13.72 11.91
C VAL A 219 2.38 13.58 10.71
N LEU A 220 2.96 13.65 9.52
CA LEU A 220 2.19 13.65 8.29
C LEU A 220 2.41 12.35 7.52
N SER A 221 1.36 11.87 6.86
CA SER A 221 1.47 10.65 6.06
C SER A 221 0.82 10.89 4.71
N SER A 222 1.44 10.42 3.64
CA SER A 222 0.78 10.38 2.33
C SER A 222 0.74 8.94 1.83
N ILE A 223 -0.04 8.71 0.78
CA ILE A 223 -0.27 7.34 0.33
C ILE A 223 -0.92 7.39 -1.04
N ASP A 224 -0.78 6.30 -1.80
CA ASP A 224 -1.58 6.11 -3.01
C ASP A 224 -2.95 5.64 -2.60
N ALA A 225 -3.99 6.41 -2.92
CA ALA A 225 -5.35 5.93 -2.79
C ALA A 225 -5.71 5.25 -4.11
N ARG A 226 -5.70 3.92 -4.13
CA ARG A 226 -5.85 3.17 -5.38
C ARG A 226 -7.26 2.61 -5.54
N TYR A 227 -7.94 3.03 -6.58
CA TYR A 227 -9.36 2.72 -6.77
C TYR A 227 -9.58 1.42 -7.55
N GLY A 228 -8.78 1.21 -8.60
CA GLY A 228 -8.95 0.05 -9.45
C GLY A 228 -8.14 -1.16 -9.00
N GLY A 229 -8.42 -1.64 -7.78
CA GLY A 229 -7.59 -2.67 -7.19
C GLY A 229 -6.25 -2.08 -6.82
N THR A 230 -5.27 -2.95 -6.52
CA THR A 230 -3.96 -2.47 -6.09
C THR A 230 -2.98 -2.31 -7.24
N HIS A 231 -3.47 -2.42 -8.47
CA HIS A 231 -2.63 -2.24 -9.66
C HIS A 231 -1.90 -0.89 -9.69
N ASP A 232 -0.63 -0.90 -10.13
CA ASP A 232 0.06 0.35 -10.53
C ASP A 232 -0.71 1.00 -11.69
N SER A 233 -0.47 2.29 -11.93
CA SER A 233 -0.92 2.94 -13.17
C SER A 233 -0.51 2.08 -14.39
N LYS A 234 -1.32 2.03 -15.45
CA LYS A 234 -2.58 2.77 -15.60
C LYS A 234 -3.68 2.31 -14.64
N SER A 235 -4.37 3.28 -14.02
CA SER A 235 -5.47 2.97 -13.11
C SER A 235 -6.13 4.29 -12.78
N LYS A 236 -7.00 4.29 -11.77
CA LYS A 236 -7.32 5.54 -11.09
C LYS A 236 -6.66 5.50 -9.72
N ILE A 237 -5.77 6.46 -9.46
CA ILE A 237 -5.12 6.59 -8.16
C ILE A 237 -5.03 8.09 -7.86
N ASN A 238 -5.32 8.46 -6.62
CA ASN A 238 -5.07 9.81 -6.12
C ASN A 238 -4.03 9.72 -5.00
N ILE A 239 -3.42 10.85 -4.66
CA ILE A 239 -2.56 10.91 -3.47
C ILE A 239 -3.36 11.51 -2.32
N ALA A 240 -3.41 10.80 -1.20
CA ALA A 240 -4.14 11.26 -0.02
C ALA A 240 -3.19 11.50 1.14
N THR A 241 -3.60 12.32 2.10
CA THR A 241 -2.77 12.59 3.26
C THR A 241 -3.61 12.60 4.52
N SER A 242 -2.97 12.35 5.66
CA SER A 242 -3.61 12.38 6.95
C SER A 242 -2.51 12.76 7.92
N TYR A 243 -2.85 13.39 9.04
CA TYR A 243 -1.82 13.74 10.00
C TYR A 243 -2.24 13.40 11.42
N SER A 244 -1.26 13.32 12.32
CA SER A 244 -1.50 13.06 13.72
C SER A 244 -0.84 14.12 14.57
N ASP A 245 -1.58 14.64 15.54
CA ASP A 245 -1.07 15.66 16.44
C ASP A 245 -0.74 15.11 17.82
N ASP A 246 -0.91 13.80 17.97
CA ASP A 246 -0.70 13.17 19.28
C ASP A 246 0.27 11.97 19.21
N ASN A 247 1.36 12.13 18.46
CA ASN A 247 2.41 11.12 18.35
C ASN A 247 1.89 9.81 17.76
N GLY A 248 0.94 9.93 16.83
CA GLY A 248 0.46 8.79 16.09
C GLY A 248 -0.69 8.04 16.73
N LYS A 249 -1.19 8.53 17.86
CA LYS A 249 -2.30 7.85 18.53
C LYS A 249 -3.61 7.95 17.77
N THR A 250 -3.88 9.11 17.18
CA THR A 250 -5.06 9.30 16.33
C THR A 250 -4.68 10.06 15.08
N TRP A 251 -5.45 9.87 14.01
CA TRP A 251 -5.15 10.42 12.69
C TRP A 251 -6.35 11.15 12.12
N SER A 252 -6.10 12.23 11.38
CA SER A 252 -7.16 13.04 10.78
C SER A 252 -7.85 12.27 9.65
N GLU A 253 -9.10 12.65 9.35
CA GLU A 253 -9.76 12.10 8.16
C GLU A 253 -8.96 12.52 6.94
N PRO A 254 -8.66 11.58 6.05
CA PRO A 254 -7.79 11.93 4.91
C PRO A 254 -8.36 13.02 4.02
N ILE A 255 -7.45 13.76 3.39
CA ILE A 255 -7.82 14.69 2.32
C ILE A 255 -6.97 14.33 1.11
N PHE A 256 -7.21 14.97 -0.03
CA PHE A 256 -6.35 14.72 -1.18
C PHE A 256 -5.28 15.78 -1.32
N ALA A 257 -4.06 15.33 -1.63
CA ALA A 257 -2.96 16.23 -2.00
C ALA A 257 -2.91 16.40 -3.51
N MET A 258 -3.21 15.33 -4.24
CA MET A 258 -3.28 15.38 -5.69
C MET A 258 -4.41 14.49 -6.16
N LYS A 259 -5.28 15.01 -7.03
CA LYS A 259 -6.41 14.20 -7.51
C LYS A 259 -6.82 14.62 -8.91
N PHE A 260 -7.42 13.67 -9.63
CA PHE A 260 -8.00 13.94 -10.94
C PHE A 260 -9.49 13.59 -10.83
N ASN A 261 -10.31 14.20 -11.67
CA ASN A 261 -11.75 13.98 -11.58
C ASN A 261 -12.40 13.42 -12.85
N ASP A 262 -11.56 12.94 -13.77
CA ASP A 262 -12.08 12.34 -15.00
C ASP A 262 -12.85 11.05 -14.73
N TYR A 263 -12.50 10.38 -13.65
CA TYR A 263 -13.23 9.19 -13.19
C TYR A 263 -13.71 9.42 -11.77
N GLU A 264 -14.89 8.91 -11.46
CA GLU A 264 -15.48 8.94 -10.12
C GLU A 264 -14.59 8.28 -9.06
N GLU A 265 -14.61 8.83 -7.85
CA GLU A 265 -13.98 8.16 -6.72
C GLU A 265 -14.91 7.05 -6.25
N GLN A 266 -14.67 5.83 -6.69
CA GLN A 266 -15.57 4.73 -6.38
C GLN A 266 -14.91 3.71 -5.50
N LEU A 267 -15.65 3.28 -4.48
CA LEU A 267 -15.24 2.17 -3.62
C LEU A 267 -15.69 0.91 -4.32
N VAL A 268 -14.76 0.17 -4.90
CA VAL A 268 -15.12 -1.00 -5.69
C VAL A 268 -14.43 -2.23 -5.17
N TYR A 269 -15.15 -3.35 -5.10
CA TYR A 269 -14.52 -4.61 -4.77
CA TYR A 269 -14.54 -4.63 -4.79
C TYR A 269 -13.95 -5.20 -6.06
N TRP A 270 -12.63 -5.20 -6.17
CA TRP A 270 -11.97 -5.67 -7.37
C TRP A 270 -11.91 -7.19 -7.35
N PRO A 271 -12.24 -7.83 -8.49
CA PRO A 271 -12.26 -9.30 -8.54
C PRO A 271 -10.88 -9.90 -8.28
N ARG A 272 -10.83 -11.00 -7.55
CA ARG A 272 -9.58 -11.63 -7.20
C ARG A 272 -9.41 -12.98 -7.89
N ASP A 273 -10.38 -13.37 -8.71
CA ASP A 273 -10.26 -14.62 -9.46
C ASP A 273 -9.24 -14.52 -10.59
N ASN A 274 -8.77 -15.69 -11.04
CA ASN A 274 -7.71 -15.75 -12.05
C ASN A 274 -8.11 -15.23 -13.43
N LYS A 275 -9.38 -15.22 -13.74
CA LYS A 275 -9.79 -14.71 -15.03
C LYS A 275 -9.83 -13.20 -15.07
N LEU A 276 -10.27 -12.58 -13.97
CA LEU A 276 -10.56 -11.15 -13.94
C LEU A 276 -9.61 -10.26 -13.13
N LYS A 277 -8.73 -10.84 -12.33
CA LYS A 277 -7.96 -10.01 -11.38
C LYS A 277 -7.03 -9.01 -12.06
N ASN A 278 -6.65 -9.28 -13.31
CA ASN A 278 -5.85 -8.30 -14.03
C ASN A 278 -6.65 -7.21 -14.75
N SER A 279 -7.96 -7.20 -14.57
CA SER A 279 -8.77 -6.07 -15.02
C SER A 279 -8.16 -4.79 -14.47
N GLN A 280 -8.08 -3.76 -15.29
CA GLN A 280 -7.36 -2.55 -14.94
C GLN A 280 -8.08 -1.35 -15.53
N ILE A 281 -8.37 -0.35 -14.71
CA ILE A 281 -8.96 0.89 -15.22
C ILE A 281 -7.99 1.49 -16.24
N SER A 282 -8.48 1.68 -17.47
CA SER A 282 -7.60 1.91 -18.61
C SER A 282 -7.72 3.28 -19.25
N GLY A 283 -8.72 4.04 -18.82
CA GLY A 283 -8.96 5.36 -19.41
C GLY A 283 -8.79 6.53 -18.47
N SER A 284 -8.30 6.29 -17.26
CA SER A 284 -8.19 7.31 -16.21
C SER A 284 -6.77 7.85 -16.06
N ALA A 285 -6.65 9.14 -15.72
CA ALA A 285 -5.37 9.70 -15.35
C ALA A 285 -5.12 9.34 -13.89
N SER A 286 -3.88 9.39 -13.45
CA SER A 286 -3.58 8.96 -12.08
C SER A 286 -2.31 9.62 -11.60
N PHE A 287 -2.10 9.55 -10.28
CA PHE A 287 -0.85 9.92 -9.64
C PHE A 287 -0.30 8.64 -9.03
N ILE A 288 1.00 8.58 -8.78
CA ILE A 288 1.56 7.39 -8.18
C ILE A 288 2.90 7.72 -7.55
N ASP A 289 3.16 7.15 -6.38
CA ASP A 289 4.44 7.26 -5.68
C ASP A 289 4.71 8.67 -5.16
N SER A 290 4.27 8.95 -3.94
CA SER A 290 4.48 10.28 -3.38
C SER A 290 5.66 10.33 -2.43
N SER A 291 6.13 11.54 -2.15
CA SER A 291 7.26 11.74 -1.27
C SER A 291 7.09 13.11 -0.65
N ILE A 292 7.45 13.24 0.62
CA ILE A 292 7.20 14.44 1.43
CA ILE A 292 7.23 14.50 1.32
C ILE A 292 8.49 14.98 2.03
N VAL A 293 8.60 16.31 2.13
CA VAL A 293 9.67 16.92 2.89
C VAL A 293 9.15 18.21 3.53
N GLU A 294 9.78 18.67 4.61
CA GLU A 294 9.45 19.99 5.14
C GLU A 294 10.62 20.95 4.97
N ASP A 295 10.30 22.16 4.53
CA ASP A 295 11.29 23.21 4.34
C ASP A 295 11.35 24.08 5.59
N LYS A 296 12.49 24.06 6.28
CA LYS A 296 12.67 24.80 7.53
C LYS A 296 12.46 26.31 7.33
N LYS A 297 13.02 26.86 6.26
CA LYS A 297 12.98 28.29 6.04
C LYS A 297 11.56 28.83 5.83
N SER A 298 10.84 28.28 4.86
CA SER A 298 9.49 28.76 4.56
C SER A 298 8.45 28.18 5.52
N GLY A 299 8.78 27.03 6.10
CA GLY A 299 7.81 26.29 6.90
C GLY A 299 6.85 25.48 6.04
N LYS A 300 6.96 25.61 4.72
CA LYS A 300 6.10 24.85 3.80
C LYS A 300 6.35 23.35 3.88
N THR A 301 5.29 22.58 3.63
CA THR A 301 5.46 21.15 3.41
C THR A 301 5.40 20.94 1.91
N ILE A 302 6.31 20.13 1.37
CA ILE A 302 6.35 19.90 -0.06
C ILE A 302 6.12 18.42 -0.36
N LEU A 303 5.22 18.14 -1.29
CA LEU A 303 4.88 16.79 -1.70
C LEU A 303 5.03 16.66 -3.21
N LEU A 304 5.84 15.70 -3.65
CA LEU A 304 5.96 15.38 -5.07
C LEU A 304 5.31 14.03 -5.31
N ALA A 305 4.88 13.79 -6.55
CA ALA A 305 4.39 12.48 -6.97
C ALA A 305 4.50 12.36 -8.49
N ASP A 306 4.53 11.13 -8.99
CA ASP A 306 4.48 10.92 -10.44
C ASP A 306 3.09 11.25 -10.94
N VAL A 307 3.00 11.79 -12.15
CA VAL A 307 1.71 12.04 -12.77
C VAL A 307 1.61 11.26 -14.07
N MET A 308 0.49 10.56 -14.23
CA MET A 308 0.26 9.74 -15.42
C MET A 308 -1.01 10.19 -16.13
N PRO A 309 -0.90 10.58 -17.41
CA PRO A 309 -2.08 10.92 -18.22
C PRO A 309 -3.00 9.72 -18.39
N ALA A 310 -4.21 9.98 -18.87
CA ALA A 310 -5.22 8.95 -19.03
C ALA A 310 -4.69 7.72 -19.76
N GLY A 311 -4.88 6.56 -19.13
CA GLY A 311 -4.52 5.29 -19.70
C GLY A 311 -3.05 4.95 -19.68
N ILE A 312 -2.25 5.78 -19.01
CA ILE A 312 -0.79 5.64 -19.05
C ILE A 312 -0.20 5.13 -17.74
N GLY A 313 0.75 4.21 -17.88
CA GLY A 313 1.55 3.75 -16.75
C GLY A 313 2.98 3.61 -17.22
N ASN A 314 3.83 3.09 -16.34
CA ASN A 314 5.23 2.87 -16.67
C ASN A 314 5.39 2.02 -17.93
N ASN A 315 4.56 0.98 -18.04
CA ASN A 315 4.65 0.03 -19.14
C ASN A 315 4.44 0.62 -20.53
N ASN A 316 3.48 1.53 -20.67
CA ASN A 316 3.15 2.08 -21.99
C ASN A 316 3.50 3.56 -22.16
N ALA A 317 4.24 4.13 -21.21
CA ALA A 317 4.66 5.53 -21.30
C ALA A 317 5.68 5.74 -22.42
N ASN A 318 5.57 6.86 -23.15
CA ASN A 318 6.52 7.18 -24.21
C ASN A 318 7.90 7.40 -23.62
N LYS A 319 8.81 6.48 -23.91
CA LYS A 319 10.15 6.51 -23.29
C LYS A 319 11.11 7.52 -23.93
N ALA A 320 10.77 8.02 -25.11
CA ALA A 320 11.69 8.91 -25.84
C ALA A 320 11.19 10.35 -25.95
N ASP A 321 10.33 10.77 -25.03
CA ASP A 321 9.73 12.10 -25.10
C ASP A 321 9.45 12.61 -23.70
N SER A 322 9.95 13.80 -23.37
CA SER A 322 9.70 14.42 -22.06
C SER A 322 8.30 14.99 -21.93
N GLY A 323 7.63 15.20 -23.05
CA GLY A 323 6.36 15.91 -23.04
C GLY A 323 6.53 17.42 -23.09
N PHE A 324 7.78 17.88 -23.15
CA PHE A 324 8.07 19.31 -23.21
C PHE A 324 8.86 19.66 -24.46
N LYS A 325 8.68 20.89 -24.93
CA LYS A 325 9.46 21.43 -26.04
C LYS A 325 10.42 22.52 -25.55
N GLU A 326 11.70 22.37 -25.87
CA GLU A 326 12.69 23.38 -25.52
C GLU A 326 12.74 24.47 -26.58
N ILE A 327 12.53 25.71 -26.14
CA ILE A 327 12.62 26.86 -27.02
C ILE A 327 13.35 27.94 -26.25
N ASN A 328 14.63 28.15 -26.61
CA ASN A 328 15.49 29.14 -25.97
C ASN A 328 15.88 28.82 -24.52
N GLY A 329 16.20 27.55 -24.25
CA GLY A 329 16.54 27.15 -22.90
C GLY A 329 15.36 27.19 -21.95
N HIS A 330 14.16 27.37 -22.50
CA HIS A 330 12.94 27.30 -21.70
C HIS A 330 12.10 26.11 -22.16
N TYR A 331 11.40 25.50 -21.21
CA TYR A 331 10.57 24.33 -21.54
C TYR A 331 9.09 24.67 -21.54
N TYR A 332 8.39 24.16 -22.54
CA TYR A 332 6.95 24.38 -22.65
C TYR A 332 6.24 23.04 -22.83
N LEU A 333 5.15 22.86 -22.09
CA LEU A 333 4.35 21.65 -22.19
C LEU A 333 3.73 21.56 -23.57
N LYS A 334 3.91 20.42 -24.23
CA LYS A 334 3.34 20.23 -25.56
C LYS A 334 1.91 19.72 -25.47
N LEU A 335 1.10 20.03 -26.49
CA LEU A 335 -0.27 19.53 -26.54
C LEU A 335 -0.61 19.01 -27.94
N LYS A 336 -1.46 17.98 -27.99
CA LYS A 336 -2.01 17.49 -29.25
C LYS A 336 -3.50 17.75 -29.28
N LYS A 337 -3.99 18.36 -30.37
CA LYS A 337 -5.42 18.64 -30.48
C LYS A 337 -6.10 17.47 -31.18
N ASN A 338 -7.33 17.15 -30.76
CA ASN A 338 -8.03 16.02 -31.36
C ASN A 338 -8.23 16.20 -32.86
N GLY A 339 -7.88 15.16 -33.62
CA GLY A 339 -7.94 15.23 -35.07
C GLY A 339 -6.55 15.33 -35.65
N ASP A 340 -5.63 15.90 -34.88
CA ASP A 340 -4.23 15.98 -35.30
C ASP A 340 -3.51 14.68 -34.93
N ASN A 341 -2.54 14.28 -35.74
CA ASN A 341 -1.74 13.11 -35.41
C ASN A 341 -0.40 13.48 -34.78
N ASP A 342 -0.08 14.77 -34.76
CA ASP A 342 1.14 15.23 -34.11
C ASP A 342 0.85 16.26 -33.01
N PHE A 343 1.88 16.61 -32.25
CA PHE A 343 1.73 17.61 -31.20
C PHE A 343 2.09 19.01 -31.74
N ARG A 344 1.10 19.74 -32.22
CA ARG A 344 1.34 21.03 -32.87
C ARG A 344 1.26 22.23 -31.92
N TYR A 345 0.99 21.97 -30.65
CA TYR A 345 0.77 23.06 -29.72
C TYR A 345 1.71 23.03 -28.54
N THR A 346 1.92 24.20 -27.94
CA THR A 346 2.62 24.30 -26.66
C THR A 346 1.81 25.19 -25.71
N VAL A 347 2.08 25.06 -24.43
CA VAL A 347 1.46 25.93 -23.44
C VAL A 347 2.53 26.97 -23.09
N ARG A 348 2.33 28.20 -23.55
CA ARG A 348 3.29 29.26 -23.34
C ARG A 348 2.97 30.06 -22.10
N GLU A 349 3.59 31.24 -22.04
CA GLU A 349 3.37 32.21 -20.97
C GLU A 349 1.89 32.44 -20.71
N ASN A 350 1.52 32.47 -19.43
CA ASN A 350 0.15 32.73 -19.00
C ASN A 350 -0.88 31.72 -19.49
N GLY A 351 -0.41 30.49 -19.71
CA GLY A 351 -1.32 29.41 -20.06
C GLY A 351 -1.86 29.47 -21.47
N VAL A 352 -1.34 30.38 -22.27
CA VAL A 352 -1.81 30.54 -23.64
C VAL A 352 -1.44 29.35 -24.51
N VAL A 353 -2.45 28.74 -25.12
CA VAL A 353 -2.20 27.64 -26.05
C VAL A 353 -1.76 28.22 -27.40
N TYR A 354 -0.55 27.84 -27.79
CA TYR A 354 0.12 28.43 -28.94
C TYR A 354 0.30 27.37 -30.01
N ASN A 355 -0.04 27.70 -31.26
CA ASN A 355 0.14 26.79 -32.37
C ASN A 355 1.57 26.89 -32.92
N GLU A 356 2.34 25.81 -32.81
CA GLU A 356 3.74 25.82 -33.24
C GLU A 356 3.88 25.77 -34.76
N THR A 357 2.85 25.27 -35.42
CA THR A 357 2.87 25.15 -36.88
C THR A 357 2.71 26.51 -37.56
N THR A 358 1.80 27.33 -37.04
CA THR A 358 1.51 28.64 -37.63
C THR A 358 2.11 29.78 -36.81
N ASN A 359 2.72 29.44 -35.69
CA ASN A 359 3.25 30.43 -34.75
C ASN A 359 2.24 31.50 -34.32
N LYS A 360 1.00 31.08 -34.15
CA LYS A 360 -0.05 31.99 -33.69
C LYS A 360 -0.63 31.51 -32.37
N PRO A 361 -0.98 32.46 -31.48
CA PRO A 361 -1.77 32.11 -30.29
C PRO A 361 -3.16 31.64 -30.71
N THR A 362 -3.75 30.74 -29.93
CA THR A 362 -5.10 30.27 -30.23
C THR A 362 -6.02 30.95 -29.25
N ASN A 363 -7.31 30.65 -29.35
CA ASN A 363 -8.27 31.20 -28.41
C ASN A 363 -8.41 30.29 -27.18
N TYR A 364 -7.47 29.36 -27.02
CA TYR A 364 -7.50 28.47 -25.85
C TYR A 364 -6.44 28.84 -24.82
N THR A 365 -6.77 28.65 -23.56
CA THR A 365 -5.80 28.78 -22.49
C THR A 365 -5.88 27.62 -21.49
N ILE A 366 -4.76 27.36 -20.83
CA ILE A 366 -4.71 26.36 -19.76
C ILE A 366 -4.58 27.08 -18.44
N ASN A 367 -5.47 26.81 -17.49
CA ASN A 367 -5.39 27.46 -16.19
C ASN A 367 -4.43 26.73 -15.26
N ASP A 368 -4.32 27.19 -14.01
CA ASP A 368 -3.34 26.61 -13.09
C ASP A 368 -3.71 25.20 -12.64
N LYS A 369 -4.95 24.79 -12.92
CA LYS A 369 -5.37 23.43 -12.59
C LYS A 369 -5.24 22.50 -13.80
N TYR A 370 -4.55 22.98 -14.84
CA TYR A 370 -4.37 22.24 -16.11
C TYR A 370 -5.70 21.99 -16.82
N GLU A 371 -6.64 22.90 -16.60
CA GLU A 371 -7.94 22.85 -17.25
C GLU A 371 -7.99 23.73 -18.50
N VAL A 372 -8.78 23.31 -19.48
CA VAL A 372 -8.85 24.00 -20.76
C VAL A 372 -9.95 25.06 -20.77
N LEU A 373 -9.58 26.27 -21.17
CA LEU A 373 -10.53 27.36 -21.32
C LEU A 373 -10.57 27.78 -22.79
N GLU A 374 -11.75 28.18 -23.26
CA GLU A 374 -11.87 28.72 -24.61
C GLU A 374 -12.48 30.12 -24.53
N GLY A 375 -11.72 31.12 -24.99
CA GLY A 375 -12.14 32.51 -24.85
C GLY A 375 -12.46 32.84 -23.41
N GLY A 376 -11.72 32.24 -22.49
CA GLY A 376 -11.94 32.49 -21.07
C GLY A 376 -13.01 31.62 -20.41
N LYS A 377 -13.73 30.84 -21.21
CA LYS A 377 -14.81 29.99 -20.68
C LYS A 377 -14.30 28.57 -20.43
N SER A 378 -14.64 28.01 -19.27
CA SER A 378 -14.21 26.65 -18.92
C SER A 378 -14.92 25.59 -19.76
N LEU A 379 -14.12 24.74 -20.43
CA LEU A 379 -14.69 23.59 -21.12
C LEU A 379 -14.86 22.44 -20.14
N THR A 380 -15.78 21.52 -20.44
CA THR A 380 -16.03 20.39 -19.56
C THR A 380 -15.96 19.07 -20.33
N VAL A 381 -15.81 17.97 -19.58
CA VAL A 381 -15.97 16.65 -20.15
C VAL A 381 -16.89 15.87 -19.23
N GLU A 382 -17.44 14.78 -19.74
CA GLU A 382 -18.29 13.93 -18.93
C GLU A 382 -17.42 12.92 -18.19
N GLN A 383 -17.72 12.74 -16.91
CA GLN A 383 -16.97 11.84 -16.04
C GLN A 383 -17.29 10.38 -16.32
N TYR A 384 -16.33 9.51 -16.09
CA TYR A 384 -16.54 8.07 -16.20
C TYR A 384 -16.73 7.41 -14.84
N SER A 385 -17.47 6.31 -14.83
CA SER A 385 -17.55 5.40 -13.69
C SER A 385 -17.24 4.00 -14.18
N VAL A 386 -16.87 3.10 -13.26
CA VAL A 386 -16.53 1.73 -13.64
C VAL A 386 -17.43 0.73 -12.91
N ASP A 387 -17.70 -0.40 -13.55
CA ASP A 387 -18.48 -1.46 -12.92
C ASP A 387 -18.14 -2.81 -13.54
N PHE A 388 -18.48 -3.89 -12.83
CA PHE A 388 -18.33 -5.25 -13.34
C PHE A 388 -19.70 -5.90 -13.52
N ASP A 389 -20.75 -5.10 -13.64
CA ASP A 389 -22.12 -5.61 -13.74
C ASP A 389 -22.31 -6.60 -14.86
N SER A 390 -21.54 -6.45 -15.94
CA SER A 390 -21.72 -7.26 -17.12
C SER A 390 -20.83 -8.50 -17.14
N GLY A 391 -20.07 -8.71 -16.08
CA GLY A 391 -19.16 -9.85 -16.04
C GLY A 391 -17.72 -9.51 -16.34
N SER A 392 -17.50 -8.33 -16.93
CA SER A 392 -16.15 -7.83 -17.17
C SER A 392 -16.10 -6.33 -16.87
N LEU A 393 -14.91 -5.78 -16.78
CA LEU A 393 -14.78 -4.35 -16.46
C LEU A 393 -15.32 -3.48 -17.58
N ARG A 394 -16.16 -2.53 -17.20
CA ARG A 394 -16.71 -1.54 -18.12
C ARG A 394 -16.43 -0.16 -17.59
N GLU A 395 -16.03 0.75 -18.47
CA GLU A 395 -15.78 2.13 -18.10
C GLU A 395 -16.72 3.00 -18.91
N ARG A 396 -17.62 3.73 -18.26
CA ARG A 396 -18.60 4.48 -19.04
C ARG A 396 -19.04 5.80 -18.45
N HIS A 397 -19.43 6.71 -19.33
CA HIS A 397 -19.90 8.03 -18.94
C HIS A 397 -21.04 7.96 -17.95
N ASN A 398 -21.00 8.81 -16.92
CA ASN A 398 -21.98 8.73 -15.84
C ASN A 398 -22.93 9.94 -15.73
N GLY A 399 -22.89 10.83 -16.71
CA GLY A 399 -23.79 11.97 -16.71
C GLY A 399 -23.29 13.23 -16.03
N LYS A 400 -22.17 13.13 -15.32
CA LYS A 400 -21.65 14.28 -14.59
C LYS A 400 -20.56 15.02 -15.39
N GLN A 401 -20.65 16.35 -15.44
CA GLN A 401 -19.66 17.17 -16.14
C GLN A 401 -18.59 17.63 -15.16
N VAL A 402 -17.33 17.61 -15.61
CA VAL A 402 -16.21 18.10 -14.81
C VAL A 402 -15.30 18.94 -15.71
N PRO A 403 -14.48 19.83 -15.11
CA PRO A 403 -13.60 20.66 -15.95
C PRO A 403 -12.70 19.83 -16.86
N MET A 404 -12.58 20.26 -18.12
CA MET A 404 -11.72 19.59 -19.10
C MET A 404 -10.24 19.80 -18.76
N ASN A 405 -9.54 18.69 -18.48
CA ASN A 405 -8.15 18.73 -18.04
C ASN A 405 -7.27 18.08 -19.10
N VAL A 406 -6.12 18.70 -19.39
CA VAL A 406 -5.24 18.20 -20.45
C VAL A 406 -4.67 16.79 -20.18
N PHE A 407 -4.87 16.30 -18.96
CA PHE A 407 -4.43 14.95 -18.63
C PHE A 407 -5.51 13.89 -18.89
N TYR A 408 -6.68 14.34 -19.36
CA TYR A 408 -7.83 13.44 -19.48
C TYR A 408 -7.97 12.81 -20.87
N LYS A 409 -8.64 11.67 -20.93
CA LYS A 409 -8.92 11.01 -22.19
C LYS A 409 -9.81 11.85 -23.12
N ASP A 410 -10.81 12.52 -22.57
CA ASP A 410 -11.83 13.19 -23.37
C ASP A 410 -11.45 14.64 -23.71
N SER A 411 -10.27 15.08 -23.28
CA SER A 411 -9.89 16.48 -23.48
C SER A 411 -9.62 16.80 -24.94
N LEU A 412 -9.94 18.03 -25.35
CA LEU A 412 -9.69 18.53 -26.69
C LEU A 412 -8.18 18.67 -26.94
N PHE A 413 -7.45 19.08 -25.91
CA PHE A 413 -6.00 19.16 -25.95
C PHE A 413 -5.41 18.18 -24.95
N LYS A 414 -4.47 17.36 -25.41
CA LYS A 414 -3.90 16.30 -24.57
C LYS A 414 -2.39 16.41 -24.45
N VAL A 415 -1.88 16.10 -23.27
CA VAL A 415 -0.43 16.06 -23.08
C VAL A 415 0.15 14.80 -23.70
N THR A 416 1.47 14.77 -23.82
CA THR A 416 2.18 13.60 -24.33
C THR A 416 1.94 12.44 -23.36
N PRO A 417 1.61 11.25 -23.90
CA PRO A 417 1.34 10.11 -23.01
C PRO A 417 2.63 9.53 -22.45
N THR A 418 3.17 10.20 -21.44
CA THR A 418 4.40 9.77 -20.78
C THR A 418 4.28 10.12 -19.30
N ASN A 419 5.27 9.77 -18.50
CA ASN A 419 5.22 10.07 -17.06
C ASN A 419 5.85 11.41 -16.72
N TYR A 420 5.26 12.12 -15.74
CA TYR A 420 5.75 13.43 -15.31
C TYR A 420 5.97 13.41 -13.79
N ILE A 421 6.61 14.43 -13.26
CA ILE A 421 6.62 14.60 -11.81
C ILE A 421 5.92 15.92 -11.50
N ALA A 422 5.06 15.92 -10.49
CA ALA A 422 4.42 17.15 -10.05
C ALA A 422 4.76 17.44 -8.61
N MET A 423 4.58 18.70 -8.24
CA MET A 423 4.82 19.14 -6.87
C MET A 423 3.61 19.90 -6.36
N THR A 424 3.26 19.68 -5.10
CA THR A 424 2.32 20.57 -4.44
C THR A 424 2.91 21.02 -3.11
N THR A 425 2.33 22.04 -2.49
CA THR A 425 2.82 22.47 -1.21
C THR A 425 1.65 22.73 -0.27
N SER A 426 1.94 22.70 1.03
CA SER A 426 0.96 23.07 2.03
C SER A 426 1.55 24.12 2.95
N GLN A 427 0.78 25.17 3.22
CA GLN A 427 1.23 26.22 4.11
C GLN A 427 0.61 26.06 5.50
N ASN A 428 -0.11 24.96 5.70
CA ASN A 428 -0.72 24.70 7.00
C ASN A 428 -0.49 23.26 7.46
N ARG A 429 0.68 22.73 7.10
CA ARG A 429 1.13 21.44 7.60
C ARG A 429 0.10 20.33 7.32
N GLY A 430 -0.42 20.31 6.10
CA GLY A 430 -1.25 19.20 5.66
C GLY A 430 -2.75 19.39 5.85
N GLU A 431 -3.19 20.56 6.29
CA GLU A 431 -4.63 20.81 6.40
C GLU A 431 -5.26 21.06 5.02
N SER A 432 -4.48 21.60 4.09
CA SER A 432 -4.93 21.75 2.71
C SER A 432 -3.70 21.76 1.81
N TRP A 433 -3.90 21.45 0.53
CA TRP A 433 -2.80 21.41 -0.41
C TRP A 433 -3.10 22.33 -1.59
N GLU A 434 -2.05 22.88 -2.19
CA GLU A 434 -2.22 23.74 -3.38
C GLU A 434 -2.47 22.91 -4.65
N GLN A 435 -2.84 23.58 -5.73
CA GLN A 435 -2.93 22.92 -7.03
C GLN A 435 -1.53 22.50 -7.45
N PHE A 436 -1.38 21.29 -7.98
CA PHE A 436 -0.03 20.80 -8.27
C PHE A 436 0.56 21.53 -9.47
N LYS A 437 1.87 21.53 -9.57
CA LYS A 437 2.51 22.03 -10.78
C LYS A 437 3.58 21.05 -11.25
N LEU A 438 3.66 20.86 -12.56
CA LEU A 438 4.65 19.96 -13.13
C LEU A 438 6.06 20.48 -12.93
N LEU A 439 6.98 19.60 -12.55
CA LEU A 439 8.40 19.94 -12.56
C LEU A 439 8.88 19.95 -14.02
N PRO A 440 9.96 20.69 -14.30
CA PRO A 440 10.54 20.69 -15.64
C PRO A 440 11.26 19.37 -15.93
N PRO A 441 11.53 19.09 -17.21
CA PRO A 441 12.32 17.89 -17.51
C PRO A 441 13.78 18.14 -17.12
N PHE A 442 14.47 17.10 -16.66
CA PHE A 442 15.84 17.26 -16.19
C PHE A 442 16.88 16.60 -17.08
N LEU A 443 16.41 15.68 -17.91
CA LEU A 443 17.32 14.89 -18.73
C LEU A 443 17.09 15.15 -20.23
N GLY A 444 16.59 16.33 -20.55
CA GLY A 444 16.45 16.74 -21.95
C GLY A 444 15.07 16.52 -22.56
N GLU A 445 14.89 17.12 -23.73
CA GLU A 445 13.64 17.05 -24.49
C GLU A 445 13.17 15.62 -24.79
N LYS A 446 14.10 14.73 -25.10
CA LYS A 446 13.76 13.42 -25.65
C LYS A 446 14.02 12.26 -24.69
N HIS A 447 13.88 12.54 -23.40
CA HIS A 447 14.02 11.53 -22.36
C HIS A 447 12.74 11.64 -21.56
N ASN A 448 12.09 10.51 -21.24
CA ASN A 448 10.91 10.61 -20.37
C ASN A 448 11.36 11.07 -18.98
N GLY A 449 10.40 11.47 -18.15
CA GLY A 449 10.74 11.94 -16.82
C GLY A 449 11.34 10.81 -16.00
N THR A 450 12.03 11.18 -14.93
CA THR A 450 12.48 10.18 -13.97
C THR A 450 11.30 9.77 -13.09
N TYR A 451 11.50 8.74 -12.28
CA TYR A 451 10.45 8.24 -11.39
C TYR A 451 10.77 8.61 -9.95
N LEU A 452 9.81 9.23 -9.27
CA LEU A 452 10.02 9.64 -7.89
C LEU A 452 10.25 8.47 -6.97
N CYS A 453 11.21 8.59 -6.05
CA CYS A 453 11.38 7.58 -5.00
C CYS A 453 10.38 7.86 -3.89
N PRO A 454 9.48 6.90 -3.62
CA PRO A 454 8.47 7.22 -2.61
C PRO A 454 9.01 7.25 -1.20
N GLY A 455 8.43 8.09 -0.36
CA GLY A 455 8.80 8.15 1.04
C GLY A 455 9.07 9.56 1.48
N GLN A 456 10.31 9.84 1.87
CA GLN A 456 10.67 11.18 2.33
C GLN A 456 11.67 11.82 1.37
N GLY A 457 11.60 13.15 1.25
CA GLY A 457 12.71 13.91 0.67
C GLY A 457 13.66 14.15 1.82
N LEU A 458 14.79 14.81 1.58
CA LEU A 458 15.77 15.08 2.61
C LEU A 458 15.96 16.58 2.78
N ALA A 459 15.78 17.08 3.99
CA ALA A 459 16.06 18.48 4.31
C ALA A 459 17.37 18.52 5.08
N LEU A 460 18.42 19.02 4.44
CA LEU A 460 19.73 19.05 5.08
C LEU A 460 19.67 19.92 6.33
N LYS A 461 20.29 19.44 7.40
CA LYS A 461 20.11 20.07 8.70
C LYS A 461 20.84 21.40 8.88
N SER A 462 21.92 21.61 8.14
CA SER A 462 22.71 22.82 8.36
C SER A 462 22.65 23.80 7.19
N SER A 463 21.74 23.57 6.25
CA SER A 463 21.51 24.52 5.17
C SER A 463 20.04 24.55 4.79
N ASN A 464 19.70 25.22 3.69
CA ASN A 464 18.33 25.24 3.21
C ASN A 464 18.09 24.24 2.08
N ARG A 465 19.04 23.34 1.85
CA ARG A 465 18.95 22.43 0.73
C ARG A 465 17.88 21.35 0.93
N LEU A 466 17.07 21.13 -0.11
CA LEU A 466 16.06 20.09 -0.14
C LEU A 466 16.41 19.13 -1.25
N ILE A 467 16.31 17.82 -0.99
CA ILE A 467 16.62 16.83 -2.03
C ILE A 467 15.54 15.76 -2.12
N PHE A 468 15.05 15.51 -3.32
CA PHE A 468 14.19 14.35 -3.57
C PHE A 468 14.92 13.43 -4.51
N ALA A 469 15.11 12.18 -4.10
CA ALA A 469 15.67 11.17 -4.98
C ALA A 469 14.64 10.74 -6.04
N THR A 470 15.13 10.49 -7.26
CA THR A 470 14.35 9.86 -8.31
C THR A 470 15.25 8.86 -9.02
N TYR A 471 14.68 8.00 -9.85
CA TYR A 471 15.52 7.08 -10.60
C TYR A 471 15.11 7.01 -12.07
N THR A 472 16.06 6.61 -12.90
CA THR A 472 15.72 6.25 -14.27
C THR A 472 16.71 5.19 -14.70
N SER A 473 16.72 4.84 -15.99
CA SER A 473 17.61 3.79 -16.42
C SER A 473 19.06 4.21 -16.21
N GLY A 474 19.79 3.43 -15.44
CA GLY A 474 21.23 3.64 -15.31
C GLY A 474 21.68 4.65 -14.27
N GLU A 475 20.77 5.30 -13.57
CA GLU A 475 21.20 6.28 -12.55
C GLU A 475 20.14 6.62 -11.53
N LEU A 476 20.60 7.11 -10.39
CA LEU A 476 19.74 7.88 -9.51
C LEU A 476 19.86 9.31 -9.97
N THR A 477 18.74 10.02 -9.98
CA THR A 477 18.73 11.42 -10.34
C THR A 477 18.19 12.23 -9.17
N TYR A 478 19.08 12.85 -8.41
CA TYR A 478 18.67 13.64 -7.26
C TYR A 478 18.19 15.02 -7.72
N LEU A 479 17.02 15.42 -7.24
CA LEU A 479 16.48 16.73 -7.55
C LEU A 479 16.75 17.66 -6.37
N ILE A 480 17.48 18.75 -6.62
CA ILE A 480 17.95 19.62 -5.55
C ILE A 480 17.38 21.04 -5.65
N SER A 481 16.84 21.53 -4.53
CA SER A 481 16.35 22.90 -4.43
C SER A 481 16.94 23.60 -3.21
N ASP A 482 17.42 24.82 -3.39
CA ASP A 482 17.93 25.61 -2.28
C ASP A 482 17.01 26.79 -1.98
N ASP A 483 15.87 26.85 -2.67
CA ASP A 483 14.97 27.99 -2.55
C ASP A 483 13.51 27.57 -2.31
N SER A 484 13.33 26.65 -1.36
CA SER A 484 11.98 26.26 -0.91
C SER A 484 11.16 25.63 -2.03
N GLY A 485 11.83 24.98 -2.97
CA GLY A 485 11.16 24.26 -4.04
C GLY A 485 10.72 25.12 -5.21
N GLN A 486 11.22 26.35 -5.29
CA GLN A 486 10.88 27.20 -6.41
C GLN A 486 11.63 26.80 -7.68
N THR A 487 12.89 26.42 -7.52
CA THR A 487 13.67 25.97 -8.67
C THR A 487 14.43 24.72 -8.30
N TRP A 488 14.65 23.86 -9.30
CA TRP A 488 15.28 22.56 -9.08
C TRP A 488 16.39 22.34 -10.08
N LYS A 489 17.45 21.65 -9.65
CA LYS A 489 18.48 21.18 -10.55
C LYS A 489 18.68 19.71 -10.26
N LYS A 490 19.34 19.00 -11.18
CA LYS A 490 19.59 17.60 -10.92
C LYS A 490 21.04 17.32 -10.58
N SER A 491 21.25 16.22 -9.89
CA SER A 491 22.58 15.67 -9.69
C SER A 491 22.47 14.19 -10.02
N SER A 492 23.12 13.76 -11.09
CA SER A 492 23.04 12.37 -11.52
C SER A 492 24.11 11.51 -10.84
N ALA A 493 23.73 10.31 -10.46
CA ALA A 493 24.66 9.34 -9.88
C ALA A 493 24.48 8.00 -10.58
N SER A 494 25.43 7.61 -11.41
CA SER A 494 25.30 6.37 -12.16
CA SER A 494 25.30 6.37 -12.16
C SER A 494 25.22 5.17 -11.21
N ILE A 495 24.45 4.16 -11.60
CA ILE A 495 24.38 2.93 -10.84
C ILE A 495 24.57 1.78 -11.84
N PRO A 496 25.15 0.65 -11.41
CA PRO A 496 25.50 -0.38 -12.40
C PRO A 496 24.33 -1.31 -12.74
N PHE A 497 23.13 -0.77 -12.82
CA PHE A 497 21.94 -1.57 -13.16
C PHE A 497 21.22 -0.86 -14.29
N LYS A 498 20.83 -1.62 -15.31
CA LYS A 498 19.94 -1.10 -16.32
C LYS A 498 18.54 -1.53 -15.91
N ASN A 499 17.57 -0.66 -16.15
CA ASN A 499 16.17 -0.98 -15.90
C ASN A 499 15.88 -1.45 -14.46
N ALA A 500 16.53 -0.82 -13.49
CA ALA A 500 16.19 -1.13 -12.11
C ALA A 500 15.11 -0.19 -11.62
N THR A 501 14.22 -0.70 -10.79
CA THR A 501 13.32 0.13 -10.00
C THR A 501 14.14 0.54 -8.79
N ALA A 502 14.97 1.57 -8.95
CA ALA A 502 15.99 1.89 -7.96
C ALA A 502 15.48 2.87 -6.91
N GLU A 503 14.42 2.48 -6.21
CA GLU A 503 13.82 3.34 -5.17
C GLU A 503 14.83 3.59 -4.07
N ALA A 504 15.07 4.86 -3.78
CA ALA A 504 16.18 5.27 -2.93
C ALA A 504 15.66 6.18 -1.82
N GLN A 505 16.21 6.01 -0.61
CA GLN A 505 15.88 6.89 0.51
C GLN A 505 17.19 7.32 1.19
N MET A 506 17.21 8.53 1.73
CA MET A 506 18.45 9.15 2.19
C MET A 506 18.49 9.42 3.69
N VAL A 507 19.69 9.40 4.26
CA VAL A 507 19.91 9.87 5.62
C VAL A 507 21.13 10.78 5.65
N GLU A 508 21.08 11.83 6.45
CA GLU A 508 22.25 12.68 6.61
C GLU A 508 23.05 12.14 7.79
N LEU A 509 24.20 11.54 7.51
CA LEU A 509 25.00 10.92 8.57
C LEU A 509 25.62 11.96 9.50
N ARG A 510 26.06 13.05 8.90
CA ARG A 510 26.51 14.22 9.64
C ARG A 510 26.39 15.35 8.64
N ASP A 511 26.57 16.59 9.08
CA ASP A 511 26.33 17.74 8.20
C ASP A 511 27.08 17.65 6.87
N GLY A 512 26.32 17.65 5.78
CA GLY A 512 26.88 17.60 4.45
C GLY A 512 27.13 16.20 3.91
N VAL A 513 26.96 15.19 4.76
CA VAL A 513 27.26 13.81 4.36
C VAL A 513 25.98 13.01 4.24
N ILE A 514 25.61 12.64 3.02
CA ILE A 514 24.37 11.91 2.77
C ILE A 514 24.65 10.47 2.38
N ARG A 515 24.00 9.52 3.06
CA ARG A 515 24.01 8.14 2.55
C ARG A 515 22.64 7.78 2.02
N THR A 516 22.63 7.23 0.81
CA THR A 516 21.42 6.83 0.13
C THR A 516 21.35 5.30 0.07
N PHE A 517 20.25 4.72 0.54
CA PHE A 517 20.03 3.28 0.50
C PHE A 517 19.00 3.01 -0.58
N PHE A 518 19.26 2.02 -1.44
CA PHE A 518 18.34 1.80 -2.55
C PHE A 518 18.15 0.36 -3.03
N ARG A 519 16.96 0.14 -3.58
CA ARG A 519 16.56 -1.14 -4.16
C ARG A 519 17.33 -1.41 -5.43
N THR A 520 17.71 -2.67 -5.65
CA THR A 520 18.44 -3.05 -6.85
C THR A 520 17.82 -4.26 -7.51
N THR A 521 18.58 -4.86 -8.41
CA THR A 521 18.17 -6.09 -9.09
C THR A 521 19.02 -7.28 -8.65
N THR A 522 19.82 -7.09 -7.60
CA THR A 522 20.82 -8.09 -7.21
C THR A 522 20.48 -8.96 -6.00
N GLY A 523 19.35 -8.64 -5.33
CA GLY A 523 19.01 -9.31 -4.09
C GLY A 523 19.65 -8.67 -2.86
N LYS A 524 20.37 -7.58 -3.06
CA LYS A 524 20.99 -6.86 -1.95
C LYS A 524 20.61 -5.39 -2.04
N ILE A 525 20.42 -4.77 -0.89
CA ILE A 525 20.21 -3.32 -0.83
C ILE A 525 21.56 -2.65 -1.09
N ALA A 526 21.55 -1.59 -1.90
CA ALA A 526 22.78 -0.88 -2.22
C ALA A 526 22.85 0.45 -1.51
N TYR A 527 24.04 1.04 -1.48
CA TYR A 527 24.16 2.39 -0.96
C TYR A 527 25.25 3.17 -1.69
N MET A 528 25.14 4.49 -1.63
CA MET A 528 26.17 5.38 -2.13
C MET A 528 26.25 6.58 -1.19
N THR A 529 27.36 7.30 -1.22
CA THR A 529 27.57 8.41 -0.28
C THR A 529 27.95 9.71 -0.98
N SER A 530 27.38 10.82 -0.52
CA SER A 530 27.81 12.13 -0.97
C SER A 530 28.42 12.85 0.23
N ARG A 531 29.56 13.50 0.04
CA ARG A 531 30.17 14.25 1.13
C ARG A 531 30.12 15.75 0.87
N ASP A 532 29.29 16.18 -0.08
CA ASP A 532 29.18 17.61 -0.42
C ASP A 532 27.74 18.03 -0.64
N SER A 533 26.87 17.56 0.25
CA SER A 533 25.45 17.92 0.25
C SER A 533 24.75 17.56 -1.05
N GLY A 534 25.16 16.44 -1.66
CA GLY A 534 24.49 15.92 -2.83
C GLY A 534 25.00 16.39 -4.18
N GLU A 535 26.08 17.17 -4.20
CA GLU A 535 26.67 17.62 -5.46
C GLU A 535 27.28 16.45 -6.25
N THR A 536 28.04 15.61 -5.55
CA THR A 536 28.67 14.46 -6.19
C THR A 536 28.47 13.20 -5.35
N TRP A 537 28.58 12.03 -5.99
CA TRP A 537 28.24 10.77 -5.35
C TRP A 537 29.28 9.68 -5.57
N SER A 538 29.47 8.84 -4.56
CA SER A 538 30.40 7.72 -4.60
C SER A 538 29.91 6.61 -5.51
N LYS A 539 30.77 5.61 -5.71
CA LYS A 539 30.35 4.38 -6.36
C LYS A 539 29.38 3.62 -5.46
N VAL A 540 28.79 2.57 -6.00
CA VAL A 540 27.78 1.81 -5.28
C VAL A 540 28.40 0.67 -4.47
N SER A 541 27.97 0.54 -3.22
CA SER A 541 28.34 -0.58 -2.38
C SER A 541 27.08 -1.35 -1.98
N TYR A 542 27.25 -2.50 -1.34
CA TYR A 542 26.09 -3.31 -0.95
C TYR A 542 26.08 -3.61 0.54
N ILE A 543 24.87 -3.70 1.09
CA ILE A 543 24.70 -4.09 2.48
C ILE A 543 24.68 -5.61 2.57
N ASP A 544 25.57 -6.15 3.38
CA ASP A 544 25.55 -7.57 3.67
C ASP A 544 24.74 -7.77 4.93
N GLY A 545 23.97 -8.86 4.99
CA GLY A 545 23.22 -9.19 6.17
C GLY A 545 21.72 -8.98 6.02
N ILE A 546 21.31 -8.36 4.93
CA ILE A 546 19.88 -8.25 4.60
C ILE A 546 19.68 -8.84 3.21
N GLN A 547 18.66 -9.67 3.06
CA GLN A 547 18.34 -10.24 1.76
C GLN A 547 17.06 -9.61 1.19
N GLN A 548 17.06 -9.35 -0.11
CA GLN A 548 15.83 -9.04 -0.81
C GLN A 548 15.70 -10.01 -1.97
N THR A 549 14.55 -10.00 -2.61
CA THR A 549 14.34 -10.79 -3.81
C THR A 549 15.06 -10.14 -4.98
N SER A 550 15.11 -10.85 -6.09
CA SER A 550 15.76 -10.35 -7.29
C SER A 550 15.09 -9.06 -7.79
N TYR A 551 13.78 -8.96 -7.67
CA TYR A 551 13.07 -7.78 -8.15
C TYR A 551 13.13 -6.62 -7.14
N GLY A 552 13.34 -6.95 -5.87
CA GLY A 552 13.58 -5.97 -4.83
C GLY A 552 12.32 -5.35 -4.22
N THR A 553 12.52 -4.58 -3.16
CA THR A 553 11.42 -3.87 -2.51
C THR A 553 11.94 -2.53 -2.00
N GLN A 554 11.09 -1.50 -2.04
CA GLN A 554 11.39 -0.22 -1.44
C GLN A 554 11.93 -0.37 -0.01
N VAL A 555 12.93 0.43 0.34
CA VAL A 555 13.49 0.44 1.69
C VAL A 555 13.37 1.86 2.26
N SER A 556 12.89 1.98 3.49
CA SER A 556 12.84 3.29 4.14
C SER A 556 13.96 3.39 5.16
N ALA A 557 14.37 4.62 5.46
CA ALA A 557 15.59 4.85 6.22
C ALA A 557 15.52 6.19 6.92
N ILE A 558 15.86 6.22 8.21
CA ILE A 558 15.97 7.50 8.91
C ILE A 558 17.25 7.57 9.73
N LYS A 559 17.66 8.80 10.04
CA LYS A 559 18.70 9.05 11.01
C LYS A 559 18.03 9.31 12.36
N TYR A 560 18.28 8.45 13.34
CA TYR A 560 17.65 8.58 14.66
C TYR A 560 18.34 9.69 15.45
N SER A 561 17.56 10.45 16.22
CA SER A 561 18.09 11.65 16.89
C SER A 561 18.95 11.32 18.11
N GLN A 562 18.73 10.16 18.70
CA GLN A 562 19.37 9.80 19.97
C GLN A 562 20.47 8.77 19.78
N LEU A 563 21.49 8.84 20.63
CA LEU A 563 22.57 7.86 20.58
C LEU A 563 22.06 6.49 21.00
N ILE A 564 22.63 5.45 20.43
CA ILE A 564 22.35 4.09 20.84
C ILE A 564 23.70 3.40 21.06
N ASP A 565 23.86 2.77 22.22
CA ASP A 565 25.16 2.21 22.63
C ASP A 565 26.27 3.25 22.44
N GLY A 566 25.94 4.51 22.67
CA GLY A 566 26.90 5.59 22.57
C GLY A 566 27.23 6.05 21.15
N LYS A 567 26.53 5.52 20.16
CA LYS A 567 26.85 5.85 18.76
C LYS A 567 25.66 6.47 18.02
N GLU A 568 25.95 7.21 16.96
CA GLU A 568 24.94 7.73 16.05
C GLU A 568 24.27 6.55 15.36
N ALA A 569 22.95 6.61 15.18
CA ALA A 569 22.22 5.45 14.66
C ALA A 569 21.38 5.76 13.42
N VAL A 570 21.30 4.78 12.52
CA VAL A 570 20.45 4.82 11.35
C VAL A 570 19.50 3.63 11.46
N ILE A 571 18.24 3.82 11.08
CA ILE A 571 17.29 2.70 11.11
C ILE A 571 16.77 2.45 9.69
N LEU A 572 16.85 1.19 9.23
CA LEU A 572 16.33 0.79 7.92
C LEU A 572 15.09 -0.07 8.11
N SER A 573 14.14 0.06 7.19
CA SER A 573 12.96 -0.80 7.20
C SER A 573 12.84 -1.47 5.84
N THR A 574 12.72 -2.80 5.84
CA THR A 574 12.68 -3.58 4.61
C THR A 574 12.22 -5.01 4.91
N PRO A 575 11.65 -5.69 3.92
CA PRO A 575 11.55 -7.14 4.10
C PRO A 575 12.98 -7.72 4.13
N ASN A 576 13.17 -8.83 4.82
CA ASN A 576 14.45 -9.52 4.81
C ASN A 576 14.19 -10.95 4.36
N SER A 577 14.18 -11.14 3.05
CA SER A 577 13.84 -12.42 2.46
C SER A 577 14.35 -12.50 1.03
N ARG A 578 14.89 -13.66 0.64
CA ARG A 578 15.29 -13.85 -0.74
C ARG A 578 14.14 -14.46 -1.55
N SER A 579 13.02 -14.74 -0.86
CA SER A 579 11.91 -15.49 -1.45
CA SER A 579 11.91 -15.49 -1.44
C SER A 579 10.69 -14.64 -1.86
N GLY A 580 10.32 -13.69 -1.03
CA GLY A 580 9.12 -12.91 -1.30
C GLY A 580 9.13 -11.64 -0.46
N ARG A 581 8.05 -10.87 -0.53
CA ARG A 581 7.96 -9.67 0.31
C ARG A 581 7.35 -10.06 1.65
N LYS A 582 8.24 -10.49 2.54
CA LYS A 582 7.85 -11.02 3.84
C LYS A 582 9.04 -10.91 4.78
N GLY A 583 8.81 -11.20 6.06
CA GLY A 583 9.89 -11.14 7.04
C GLY A 583 10.36 -9.70 7.25
N GLY A 584 9.41 -8.81 7.47
CA GLY A 584 9.75 -7.41 7.68
C GLY A 584 10.64 -7.20 8.89
N GLN A 585 11.63 -6.32 8.73
CA GLN A 585 12.53 -5.98 9.82
C GLN A 585 12.81 -4.49 9.89
N LEU A 586 13.09 -4.03 11.11
CA LEU A 586 13.76 -2.76 11.31
C LEU A 586 15.17 -3.14 11.70
N VAL A 587 16.15 -2.54 11.03
CA VAL A 587 17.55 -2.90 11.27
C VAL A 587 18.26 -1.65 11.77
N VAL A 588 18.88 -1.76 12.95
CA VAL A 588 19.52 -0.62 13.57
C VAL A 588 21.02 -0.67 13.27
N GLY A 589 21.53 0.38 12.65
CA GLY A 589 22.94 0.45 12.33
C GLY A 589 23.61 1.53 13.15
N LEU A 590 24.78 1.21 13.70
CA LEU A 590 25.55 2.21 14.42
C LEU A 590 26.70 2.74 13.55
N VAL A 591 26.78 4.07 13.46
CA VAL A 591 27.79 4.69 12.61
C VAL A 591 29.15 4.76 13.31
N ASN A 592 30.20 4.40 12.60
CA ASN A 592 31.56 4.56 13.08
C ASN A 592 32.12 5.91 12.64
N LYS A 593 32.42 6.77 13.61
CA LYS A 593 32.82 8.15 13.33
C LYS A 593 34.11 8.31 12.52
N GLU A 594 34.94 7.29 12.48
CA GLU A 594 36.21 7.34 11.75
C GLU A 594 36.00 7.35 10.24
N ASP A 595 35.19 6.42 9.74
CA ASP A 595 35.06 6.21 8.30
C ASP A 595 33.62 6.21 7.80
N ASP A 596 32.67 6.55 8.68
CA ASP A 596 31.25 6.59 8.35
C ASP A 596 30.68 5.24 7.90
N SER A 597 31.38 4.16 8.23
CA SER A 597 30.86 2.82 7.98
C SER A 597 29.77 2.54 9.01
N ILE A 598 28.89 1.58 8.71
CA ILE A 598 27.76 1.30 9.60
C ILE A 598 27.74 -0.16 10.06
N ASP A 599 27.73 -0.37 11.36
CA ASP A 599 27.58 -1.72 11.93
C ASP A 599 26.09 -2.02 12.16
N TRP A 600 25.54 -2.89 11.33
CA TRP A 600 24.13 -3.27 11.46
C TRP A 600 23.97 -4.24 12.62
N LYS A 601 23.69 -3.69 13.79
CA LYS A 601 23.87 -4.41 15.05
C LYS A 601 22.60 -5.08 15.56
N TYR A 602 21.44 -4.46 15.34
CA TYR A 602 20.17 -5.03 15.80
C TYR A 602 19.19 -5.22 14.66
N HIS A 603 18.51 -6.37 14.64
CA HIS A 603 17.48 -6.68 13.66
C HIS A 603 16.17 -6.95 14.42
N TYR A 604 15.16 -6.11 14.25
CA TYR A 604 13.87 -6.36 14.88
C TYR A 604 12.85 -6.94 13.90
N GLY A 605 12.28 -8.08 14.26
CA GLY A 605 11.31 -8.73 13.39
C GLY A 605 9.93 -8.11 13.63
N ILE A 606 9.37 -7.45 12.61
CA ILE A 606 8.04 -6.83 12.71
C ILE A 606 6.94 -7.86 12.98
N ASP A 607 7.04 -9.00 12.33
CA ASP A 607 6.11 -10.12 12.52
C ASP A 607 6.85 -11.33 11.98
N LEU A 608 6.15 -12.44 11.78
CA LEU A 608 6.80 -13.70 11.40
C LEU A 608 7.58 -13.58 10.11
N PRO A 609 8.64 -14.37 9.96
CA PRO A 609 9.40 -14.40 8.70
C PRO A 609 8.52 -14.71 7.49
N SER A 610 7.44 -15.46 7.71
CA SER A 610 6.58 -15.89 6.61
C SER A 610 5.41 -14.93 6.31
N TYR A 611 5.19 -13.97 7.19
CA TYR A 611 4.10 -13.00 7.02
C TYR A 611 4.52 -11.80 6.17
N GLY A 612 3.59 -11.28 5.38
CA GLY A 612 3.87 -10.27 4.39
C GLY A 612 4.37 -8.94 4.94
N TYR A 613 5.31 -8.34 4.20
CA TYR A 613 5.85 -7.03 4.54
C TYR A 613 6.47 -6.48 3.27
N ALA A 614 5.93 -5.36 2.79
CA ALA A 614 6.42 -4.82 1.53
C ALA A 614 6.92 -3.38 1.63
N TYR A 615 6.28 -2.46 0.91
CA TYR A 615 6.70 -1.06 0.99
C TYR A 615 6.45 -0.55 2.42
N SER A 616 7.27 0.38 2.85
CA SER A 616 7.16 0.83 4.24
C SER A 616 7.60 2.27 4.40
N ALA A 617 7.12 2.87 5.49
CA ALA A 617 7.48 4.23 5.87
C ALA A 617 7.88 4.19 7.33
N ILE A 618 8.98 4.84 7.68
CA ILE A 618 9.34 4.96 9.09
C ILE A 618 9.64 6.39 9.44
N THR A 619 9.31 6.78 10.67
CA THR A 619 9.69 8.10 11.12
C THR A 619 9.95 8.10 12.63
N GLU A 620 10.85 8.97 13.06
CA GLU A 620 11.01 9.20 14.50
C GLU A 620 9.90 10.15 14.94
N LEU A 621 9.03 9.66 15.81
CA LEU A 621 7.96 10.47 16.38
C LEU A 621 8.57 11.47 17.36
N PRO A 622 7.87 12.58 17.64
CA PRO A 622 8.43 13.62 18.50
C PRO A 622 8.81 13.14 19.90
N ASN A 623 8.22 12.03 20.36
CA ASN A 623 8.55 11.49 21.67
C ASN A 623 9.67 10.45 21.60
N HIS A 624 10.30 10.35 20.44
CA HIS A 624 11.43 9.44 20.16
C HIS A 624 11.05 7.96 20.00
N HIS A 625 9.75 7.70 19.93
CA HIS A 625 9.26 6.40 19.49
C HIS A 625 9.45 6.34 17.99
N ILE A 626 9.23 5.17 17.39
CA ILE A 626 9.31 5.03 15.94
C ILE A 626 7.92 4.68 15.43
N GLY A 627 7.43 5.41 14.44
CA GLY A 627 6.19 5.02 13.78
C GLY A 627 6.50 4.29 12.49
N VAL A 628 5.75 3.21 12.22
CA VAL A 628 5.92 2.46 10.98
C VAL A 628 4.57 2.29 10.31
N LEU A 629 4.47 2.75 9.07
CA LEU A 629 3.27 2.53 8.25
C LEU A 629 3.72 1.68 7.07
N PHE A 630 3.14 0.50 6.91
CA PHE A 630 3.70 -0.45 5.95
C PHE A 630 2.65 -1.33 5.31
N GLU A 631 2.98 -1.85 4.13
CA GLU A 631 2.15 -2.81 3.44
C GLU A 631 2.32 -4.17 4.12
N LYS A 632 1.32 -4.60 4.88
CA LYS A 632 1.40 -5.91 5.55
C LYS A 632 0.85 -7.02 4.65
N TYR A 633 1.51 -7.20 3.51
CA TYR A 633 1.14 -8.26 2.57
C TYR A 633 2.22 -8.29 1.51
N ASP A 634 2.20 -9.31 0.65
CA ASP A 634 3.16 -9.36 -0.44
C ASP A 634 2.59 -8.60 -1.64
N SER A 635 3.00 -7.35 -1.81
CA SER A 635 2.47 -6.51 -2.87
C SER A 635 3.07 -6.83 -4.24
N TRP A 636 3.92 -7.87 -4.31
CA TRP A 636 4.41 -8.37 -5.59
C TRP A 636 3.57 -9.57 -6.04
N SER A 637 3.24 -10.42 -5.09
CA SER A 637 2.56 -11.69 -5.39
C SER A 637 1.28 -11.52 -6.19
N ARG A 638 1.13 -12.32 -7.24
CA ARG A 638 -0.08 -12.28 -8.04
C ARG A 638 -1.23 -12.97 -7.33
N ASN A 639 -0.96 -13.56 -6.17
CA ASN A 639 -2.01 -14.16 -5.36
C ASN A 639 -2.56 -13.21 -4.29
N GLU A 640 -1.88 -12.08 -4.08
CA GLU A 640 -2.31 -11.18 -3.00
C GLU A 640 -2.73 -9.80 -3.50
N LEU A 641 -3.20 -9.76 -4.74
CA LEU A 641 -3.75 -8.51 -5.28
C LEU A 641 -5.08 -8.13 -4.63
N HIS A 642 -5.34 -6.83 -4.55
CA HIS A 642 -6.66 -6.33 -4.20
C HIS A 642 -7.13 -6.78 -2.82
N LEU A 643 -6.28 -6.59 -1.82
CA LEU A 643 -6.64 -6.82 -0.43
C LEU A 643 -6.92 -5.47 0.21
N SER A 644 -7.96 -5.40 1.04
CA SER A 644 -8.28 -4.14 1.70
CA SER A 644 -8.33 -4.17 1.72
C SER A 644 -7.69 -4.08 3.11
N ASN A 645 -7.35 -2.87 3.55
CA ASN A 645 -6.90 -2.64 4.91
C ASN A 645 -5.69 -3.48 5.34
N VAL A 646 -4.69 -3.52 4.46
CA VAL A 646 -3.43 -4.20 4.76
C VAL A 646 -2.26 -3.23 4.96
N VAL A 647 -2.42 -1.96 4.57
CA VAL A 647 -1.44 -0.95 4.92
C VAL A 647 -1.74 -0.53 6.36
N GLN A 648 -0.82 -0.80 7.27
CA GLN A 648 -1.10 -0.69 8.70
C GLN A 648 -0.03 0.09 9.45
N TYR A 649 -0.40 0.68 10.59
CA TYR A 649 0.50 1.54 11.36
C TYR A 649 0.80 0.92 12.73
N ILE A 650 2.07 0.91 13.14
CA ILE A 650 2.41 0.49 14.50
C ILE A 650 3.37 1.48 15.14
N ASP A 651 3.42 1.43 16.47
CA ASP A 651 4.29 2.29 17.27
C ASP A 651 5.31 1.40 17.98
N LEU A 652 6.59 1.73 17.85
CA LEU A 652 7.65 0.95 18.48
C LEU A 652 8.56 1.86 19.27
N GLU A 653 9.24 1.30 20.27
CA GLU A 653 10.24 2.05 21.03
C GLU A 653 11.61 1.44 20.75
N ILE A 654 12.68 2.22 20.98
CA ILE A 654 14.01 1.71 20.66
C ILE A 654 14.35 0.45 21.46
N ASN A 655 13.89 0.41 22.70
CA ASN A 655 14.04 -0.76 23.55
C ASN A 655 13.45 -2.03 22.91
N ASP A 656 12.37 -1.88 22.14
CA ASP A 656 11.78 -3.02 21.46
C ASP A 656 12.72 -3.56 20.39
N LEU A 657 13.44 -2.66 19.74
CA LEU A 657 14.26 -3.03 18.58
C LEU A 657 15.57 -3.67 19.02
N THR A 658 16.11 -3.20 20.14
CA THR A 658 17.41 -3.68 20.59
C THR A 658 17.24 -4.84 21.55
#